data_2LG0
# 
_entry.id   2LG0 
# 
_audit_conform.dict_name       mmcif_pdbx.dic 
_audit_conform.dict_version    5.392 
_audit_conform.dict_location   http://mmcif.pdb.org/dictionaries/ascii/mmcif_pdbx.dic 
# 
loop_
_database_2.database_id 
_database_2.database_code 
_database_2.pdbx_database_accession 
_database_2.pdbx_DOI 
PDB   2LG0         pdb_00002lg0 10.2210/pdb2lg0/pdb 
RCSB  RCSB102346   ?            ?                   
BMRB  17789        ?            10.13018/BMR17789   
WWPDB D_1000102346 ?            ?                   
# 
loop_
_pdbx_audit_revision_history.ordinal 
_pdbx_audit_revision_history.data_content_type 
_pdbx_audit_revision_history.major_revision 
_pdbx_audit_revision_history.minor_revision 
_pdbx_audit_revision_history.revision_date 
1 'Structure model' 1 0 2012-06-27 
2 'Structure model' 1 1 2023-06-14 
3 'Structure model' 1 2 2024-05-15 
# 
_pdbx_audit_revision_details.ordinal             1 
_pdbx_audit_revision_details.revision_ordinal    1 
_pdbx_audit_revision_details.data_content_type   'Structure model' 
_pdbx_audit_revision_details.provider            repository 
_pdbx_audit_revision_details.type                'Initial release' 
_pdbx_audit_revision_details.description         ? 
_pdbx_audit_revision_details.details             ? 
# 
loop_
_pdbx_audit_revision_group.ordinal 
_pdbx_audit_revision_group.revision_ordinal 
_pdbx_audit_revision_group.data_content_type 
_pdbx_audit_revision_group.group 
1 2 'Structure model' 'Data collection'      
2 2 'Structure model' 'Database references'  
3 2 'Structure model' 'Derived calculations' 
4 2 'Structure model' Other                  
5 3 'Structure model' 'Data collection'      
6 3 'Structure model' 'Database references'  
# 
loop_
_pdbx_audit_revision_category.ordinal 
_pdbx_audit_revision_category.revision_ordinal 
_pdbx_audit_revision_category.data_content_type 
_pdbx_audit_revision_category.category 
1 2 'Structure model' database_2            
2 2 'Structure model' pdbx_database_status  
3 2 'Structure model' pdbx_nmr_software     
4 2 'Structure model' pdbx_nmr_spectrometer 
5 2 'Structure model' struct_conn           
6 3 'Structure model' chem_comp_atom        
7 3 'Structure model' chem_comp_bond        
8 3 'Structure model' database_2            
# 
loop_
_pdbx_audit_revision_item.ordinal 
_pdbx_audit_revision_item.revision_ordinal 
_pdbx_audit_revision_item.data_content_type 
_pdbx_audit_revision_item.item 
1 2 'Structure model' '_database_2.pdbx_DOI'                       
2 2 'Structure model' '_database_2.pdbx_database_accession'        
3 2 'Structure model' '_pdbx_database_status.status_code_nmr_data' 
4 2 'Structure model' '_pdbx_nmr_software.name'                    
5 2 'Structure model' '_pdbx_nmr_spectrometer.model'               
6 2 'Structure model' '_struct_conn.pdbx_leaving_atom_flag'        
7 3 'Structure model' '_database_2.pdbx_DOI'                       
# 
_pdbx_database_status.deposit_site                    BMRB 
_pdbx_database_status.entry_id                        2LG0 
_pdbx_database_status.process_site                    RCSB 
_pdbx_database_status.recvd_initial_deposition_date   2011-07-18 
_pdbx_database_status.SG_entry                        ? 
_pdbx_database_status.status_code                     REL 
_pdbx_database_status.status_code_mr                  REL 
_pdbx_database_status.status_code_sf                  ? 
_pdbx_database_status.status_code_cs                  REL 
_pdbx_database_status.methods_development_category    ? 
_pdbx_database_status.pdb_format_compatible           Y 
_pdbx_database_status.status_code_nmr_data            REL 
# 
_pdbx_database_related.db_id          17789 
_pdbx_database_related.db_name        BMRB 
_pdbx_database_related.content_type   unspecified 
_pdbx_database_related.details        . 
# 
loop_
_audit_author.name 
_audit_author.pdbx_ordinal 
'Huang, H.'   1 
'Das, R.S.'   2 
'Basu, A.'    3 
'Stone, M.P.' 4 
# 
_citation.id                        primary 
_citation.title                     
;Structure of (5'S)-8,5'-cyclo-2'-deoxyguanosine in DNA.
;
_citation.journal_abbrev            J.Am.Chem.Soc. 
_citation.journal_volume            133 
_citation.page_first                20357 
_citation.page_last                 20368 
_citation.year                      2011 
_citation.journal_id_ASTM           JACSAT 
_citation.country                   US 
_citation.journal_id_ISSN           0002-7863 
_citation.journal_id_CSD            0004 
_citation.book_publisher            ? 
_citation.pdbx_database_id_PubMed   22103478 
_citation.pdbx_database_id_DOI      10.1021/ja207407n 
# 
loop_
_citation_author.citation_id 
_citation_author.name 
_citation_author.ordinal 
_citation_author.identifier_ORCID 
primary 'Huang, H.'   1 ? 
primary 'Das, R.S.'   2 ? 
primary 'Basu, A.K.'  3 ? 
primary 'Stone, M.P.' 4 ? 
# 
loop_
_entity.id 
_entity.type 
_entity.src_method 
_entity.pdbx_description 
_entity.formula_weight 
_entity.pdbx_number_of_molecules 
_entity.pdbx_ec 
_entity.pdbx_mutation 
_entity.pdbx_fragment 
_entity.details 
1 polymer syn 
;DNA (5'-D(*GP*TP*GP*CP*(02I)P*TP*GP*TP*TP*TP*GP*T)-3')
;
3697.395 1 ? ? ? ? 
2 polymer syn 
;DNA (5'-D(*AP*CP*AP*AP*AP*CP*AP*TP*GP*CP*AP*C)-3')
;
3624.409 1 ? ? ? ? 
# 
loop_
_entity_poly.entity_id 
_entity_poly.type 
_entity_poly.nstd_linkage 
_entity_poly.nstd_monomer 
_entity_poly.pdbx_seq_one_letter_code 
_entity_poly.pdbx_seq_one_letter_code_can 
_entity_poly.pdbx_strand_id 
_entity_poly.pdbx_target_identifier 
1 polydeoxyribonucleotide no yes '(DG)(DT)(DG)(DC)(02I)(DT)(DG)(DT)(DT)(DT)(DG)(DT)' GTGCXTGTTTGT A ? 
2 polydeoxyribonucleotide no no  '(DA)(DC)(DA)(DA)(DA)(DC)(DA)(DT)(DG)(DC)(DA)(DC)'  ACAAACATGCAC B ? 
# 
loop_
_entity_poly_seq.entity_id 
_entity_poly_seq.num 
_entity_poly_seq.mon_id 
_entity_poly_seq.hetero 
1 1  DG  n 
1 2  DT  n 
1 3  DG  n 
1 4  DC  n 
1 5  02I n 
1 6  DT  n 
1 7  DG  n 
1 8  DT  n 
1 9  DT  n 
1 10 DT  n 
1 11 DG  n 
1 12 DT  n 
2 1  DA  n 
2 2  DC  n 
2 3  DA  n 
2 4  DA  n 
2 5  DA  n 
2 6  DC  n 
2 7  DA  n 
2 8  DT  n 
2 9  DG  n 
2 10 DC  n 
2 11 DA  n 
2 12 DC  n 
# 
loop_
_chem_comp.id 
_chem_comp.type 
_chem_comp.mon_nstd_flag 
_chem_comp.name 
_chem_comp.pdbx_synonyms 
_chem_comp.formula 
_chem_comp.formula_weight 
02I 'DNA linking' . 
'(6S,7S,8S,10R)-4-amino-8-hydroxy-7,8,9,10-tetrahydro-6H-7,10-epoxyazepino[1,2-e]purin-6-yl dihydrogen phosphate' ? 
'C10 H12 N5 O6 P' 329.206 
DA  'DNA linking' y "2'-DEOXYADENOSINE-5'-MONOPHOSPHATE" ? 'C10 H14 N5 O6 P' 331.222 
DC  'DNA linking' y "2'-DEOXYCYTIDINE-5'-MONOPHOSPHATE" ? 'C9 H14 N3 O7 P'  307.197 
DG  'DNA linking' y "2'-DEOXYGUANOSINE-5'-MONOPHOSPHATE" ? 'C10 H14 N5 O7 P' 347.221 
DT  'DNA linking' y "THYMIDINE-5'-MONOPHOSPHATE" ? 'C10 H15 N2 O8 P' 322.208 
# 
loop_
_pdbx_poly_seq_scheme.asym_id 
_pdbx_poly_seq_scheme.entity_id 
_pdbx_poly_seq_scheme.seq_id 
_pdbx_poly_seq_scheme.mon_id 
_pdbx_poly_seq_scheme.ndb_seq_num 
_pdbx_poly_seq_scheme.pdb_seq_num 
_pdbx_poly_seq_scheme.auth_seq_num 
_pdbx_poly_seq_scheme.pdb_mon_id 
_pdbx_poly_seq_scheme.auth_mon_id 
_pdbx_poly_seq_scheme.pdb_strand_id 
_pdbx_poly_seq_scheme.pdb_ins_code 
_pdbx_poly_seq_scheme.hetero 
A 1 1  DG  1  1  1  DG  DG5 A . n 
A 1 2  DT  2  2  2  DT  DT  A . n 
A 1 3  DG  3  3  3  DG  DG  A . n 
A 1 4  DC  4  4  4  DC  DC  A . n 
A 1 5  02I 5  5  5  02I CDA A . n 
A 1 6  DT  6  6  6  DT  DT  A . n 
A 1 7  DG  7  7  7  DG  DG  A . n 
A 1 8  DT  8  8  8  DT  DT  A . n 
A 1 9  DT  9  9  9  DT  DT  A . n 
A 1 10 DT  10 10 10 DT  DT  A . n 
A 1 11 DG  11 11 11 DG  DG  A . n 
A 1 12 DT  12 12 12 DT  DT3 A . n 
B 2 1  DA  1  13 13 DA  DA5 B . n 
B 2 2  DC  2  14 14 DC  DC  B . n 
B 2 3  DA  3  15 15 DA  DA  B . n 
B 2 4  DA  4  16 16 DA  DA  B . n 
B 2 5  DA  5  17 17 DA  DA  B . n 
B 2 6  DC  6  18 18 DC  DC  B . n 
B 2 7  DA  7  19 19 DA  DA  B . n 
B 2 8  DT  8  20 20 DT  DT  B . n 
B 2 9  DG  9  21 21 DG  DG  B . n 
B 2 10 DC  10 22 22 DC  DC  B . n 
B 2 11 DA  11 23 23 DA  DA  B . n 
B 2 12 DC  12 24 24 DC  DC3 B . n 
# 
_exptl.absorpt_coefficient_mu     ? 
_exptl.absorpt_correction_T_max   ? 
_exptl.absorpt_correction_T_min   ? 
_exptl.absorpt_correction_type    ? 
_exptl.absorpt_process_details    ? 
_exptl.crystals_number            ? 
_exptl.details                    ? 
_exptl.entry_id                   2LG0 
_exptl.method                     'SOLUTION NMR' 
_exptl.method_details             ? 
# 
_struct.entry_id                  2LG0 
_struct.title                     
;structure of the duplex containing (5'S)-8,5'-cyclo-2'-deoxyadenosine
;
_struct.pdbx_model_details        'closest to the average, model 1' 
_struct.pdbx_CASP_flag            ? 
_struct.pdbx_model_type_details   ? 
# 
_struct_keywords.entry_id        2LG0 
_struct_keywords.pdbx_keywords   DNA 
_struct_keywords.text            
;(5'S)-8, 5'-cyclo-2'-deoxyadenosine, cyclopurine, cyclo-dA, DNA
;
# 
loop_
_struct_asym.id 
_struct_asym.pdbx_blank_PDB_chainid_flag 
_struct_asym.pdbx_modified 
_struct_asym.entity_id 
_struct_asym.details 
A N N 1 ? 
B N N 2 ? 
# 
loop_
_struct_ref.id 
_struct_ref.db_name 
_struct_ref.db_code 
_struct_ref.pdbx_db_accession 
_struct_ref.entity_id 
_struct_ref.pdbx_align_begin 
_struct_ref.pdbx_seq_one_letter_code 
_struct_ref.pdbx_db_isoform 
1 PDB 2LG0 2LG0 1 ? ? ? 
2 PDB 2LG0 2LG0 2 ? ? ? 
# 
loop_
_struct_ref_seq.align_id 
_struct_ref_seq.ref_id 
_struct_ref_seq.pdbx_PDB_id_code 
_struct_ref_seq.pdbx_strand_id 
_struct_ref_seq.seq_align_beg 
_struct_ref_seq.pdbx_seq_align_beg_ins_code 
_struct_ref_seq.seq_align_end 
_struct_ref_seq.pdbx_seq_align_end_ins_code 
_struct_ref_seq.pdbx_db_accession 
_struct_ref_seq.db_align_beg 
_struct_ref_seq.pdbx_db_align_beg_ins_code 
_struct_ref_seq.db_align_end 
_struct_ref_seq.pdbx_db_align_end_ins_code 
_struct_ref_seq.pdbx_auth_seq_align_beg 
_struct_ref_seq.pdbx_auth_seq_align_end 
1 1 2LG0 A 1 ? 12 ? 2LG0 1  ? 12 ? 1  12 
2 2 2LG0 B 1 ? 12 ? 2LG0 13 ? 24 ? 13 24 
# 
_pdbx_struct_assembly.id                   1 
_pdbx_struct_assembly.details              author_defined_assembly 
_pdbx_struct_assembly.method_details       ? 
_pdbx_struct_assembly.oligomeric_details   dimeric 
_pdbx_struct_assembly.oligomeric_count     2 
# 
_pdbx_struct_assembly_gen.assembly_id       1 
_pdbx_struct_assembly_gen.oper_expression   1 
_pdbx_struct_assembly_gen.asym_id_list      A,B 
# 
_pdbx_struct_oper_list.id                   1 
_pdbx_struct_oper_list.type                 'identity operation' 
_pdbx_struct_oper_list.name                 1_555 
_pdbx_struct_oper_list.symmetry_operation   x,y,z 
_pdbx_struct_oper_list.matrix[1][1]         1.0000000000 
_pdbx_struct_oper_list.matrix[1][2]         0.0000000000 
_pdbx_struct_oper_list.matrix[1][3]         0.0000000000 
_pdbx_struct_oper_list.vector[1]            0.0000000000 
_pdbx_struct_oper_list.matrix[2][1]         0.0000000000 
_pdbx_struct_oper_list.matrix[2][2]         1.0000000000 
_pdbx_struct_oper_list.matrix[2][3]         0.0000000000 
_pdbx_struct_oper_list.vector[2]            0.0000000000 
_pdbx_struct_oper_list.matrix[3][1]         0.0000000000 
_pdbx_struct_oper_list.matrix[3][2]         0.0000000000 
_pdbx_struct_oper_list.matrix[3][3]         1.0000000000 
_pdbx_struct_oper_list.vector[3]            0.0000000000 
# 
_struct_biol.id        1 
_struct_biol.details   ? 
# 
loop_
_struct_conn.id 
_struct_conn.conn_type_id 
_struct_conn.pdbx_leaving_atom_flag 
_struct_conn.pdbx_PDB_id 
_struct_conn.ptnr1_label_asym_id 
_struct_conn.ptnr1_label_comp_id 
_struct_conn.ptnr1_label_seq_id 
_struct_conn.ptnr1_label_atom_id 
_struct_conn.pdbx_ptnr1_label_alt_id 
_struct_conn.pdbx_ptnr1_PDB_ins_code 
_struct_conn.pdbx_ptnr1_standard_comp_id 
_struct_conn.ptnr1_symmetry 
_struct_conn.ptnr2_label_asym_id 
_struct_conn.ptnr2_label_comp_id 
_struct_conn.ptnr2_label_seq_id 
_struct_conn.ptnr2_label_atom_id 
_struct_conn.pdbx_ptnr2_label_alt_id 
_struct_conn.pdbx_ptnr2_PDB_ins_code 
_struct_conn.ptnr1_auth_asym_id 
_struct_conn.ptnr1_auth_comp_id 
_struct_conn.ptnr1_auth_seq_id 
_struct_conn.ptnr2_auth_asym_id 
_struct_conn.ptnr2_auth_comp_id 
_struct_conn.ptnr2_auth_seq_id 
_struct_conn.ptnr2_symmetry 
_struct_conn.pdbx_ptnr3_label_atom_id 
_struct_conn.pdbx_ptnr3_label_seq_id 
_struct_conn.pdbx_ptnr3_label_comp_id 
_struct_conn.pdbx_ptnr3_label_asym_id 
_struct_conn.pdbx_ptnr3_label_alt_id 
_struct_conn.pdbx_ptnr3_PDB_ins_code 
_struct_conn.details 
_struct_conn.pdbx_dist_value 
_struct_conn.pdbx_value_order 
_struct_conn.pdbx_role 
covale1  covale both ? A DC  4  "O3'" ? ? ? 1_555 A 02I 5  P  ? ? A DC  4  A 02I 5  1_555 ? ? ? ? ? ? ?            1.610 ? ? 
covale2  covale both ? A 02I 5  "O3'" ? ? ? 1_555 A DT  6  P  ? ? A 02I 5  A DT  6  1_555 ? ? ? ? ? ? ?            1.598 ? ? 
hydrog1  hydrog ?    ? A DG  1  N1    ? ? ? 1_555 B DC  12 N3 ? ? A DG  1  B DC  24 1_555 ? ? ? ? ? ? WATSON-CRICK ?     ? ? 
hydrog2  hydrog ?    ? A DG  1  N2    ? ? ? 1_555 B DC  12 O2 ? ? A DG  1  B DC  24 1_555 ? ? ? ? ? ? WATSON-CRICK ?     ? ? 
hydrog3  hydrog ?    ? A DG  1  O6    ? ? ? 1_555 B DC  12 N4 ? ? A DG  1  B DC  24 1_555 ? ? ? ? ? ? WATSON-CRICK ?     ? ? 
hydrog4  hydrog ?    ? A DT  2  N3    ? ? ? 1_555 B DA  11 N1 ? ? A DT  2  B DA  23 1_555 ? ? ? ? ? ? WATSON-CRICK ?     ? ? 
hydrog5  hydrog ?    ? A DT  2  O4    ? ? ? 1_555 B DA  11 N6 ? ? A DT  2  B DA  23 1_555 ? ? ? ? ? ? WATSON-CRICK ?     ? ? 
hydrog6  hydrog ?    ? A DG  3  N1    ? ? ? 1_555 B DC  10 N3 ? ? A DG  3  B DC  22 1_555 ? ? ? ? ? ? WATSON-CRICK ?     ? ? 
hydrog7  hydrog ?    ? A DG  3  N2    ? ? ? 1_555 B DC  10 O2 ? ? A DG  3  B DC  22 1_555 ? ? ? ? ? ? WATSON-CRICK ?     ? ? 
hydrog8  hydrog ?    ? A DG  3  O6    ? ? ? 1_555 B DC  10 N4 ? ? A DG  3  B DC  22 1_555 ? ? ? ? ? ? WATSON-CRICK ?     ? ? 
hydrog9  hydrog ?    ? A DC  4  N3    ? ? ? 1_555 B DG  9  N1 ? ? A DC  4  B DG  21 1_555 ? ? ? ? ? ? WATSON-CRICK ?     ? ? 
hydrog10 hydrog ?    ? A DC  4  N4    ? ? ? 1_555 B DG  9  O6 ? ? A DC  4  B DG  21 1_555 ? ? ? ? ? ? WATSON-CRICK ?     ? ? 
hydrog11 hydrog ?    ? A DC  4  O2    ? ? ? 1_555 B DG  9  N2 ? ? A DC  4  B DG  21 1_555 ? ? ? ? ? ? WATSON-CRICK ?     ? ? 
hydrog12 hydrog ?    ? A DT  6  N3    ? ? ? 1_555 B DA  7  N1 ? ? A DT  6  B DA  19 1_555 ? ? ? ? ? ? WATSON-CRICK ?     ? ? 
hydrog13 hydrog ?    ? A DT  6  O4    ? ? ? 1_555 B DA  7  N6 ? ? A DT  6  B DA  19 1_555 ? ? ? ? ? ? WATSON-CRICK ?     ? ? 
hydrog14 hydrog ?    ? A DG  7  N1    ? ? ? 1_555 B DC  6  N3 ? ? A DG  7  B DC  18 1_555 ? ? ? ? ? ? WATSON-CRICK ?     ? ? 
hydrog15 hydrog ?    ? A DG  7  N2    ? ? ? 1_555 B DC  6  O2 ? ? A DG  7  B DC  18 1_555 ? ? ? ? ? ? WATSON-CRICK ?     ? ? 
hydrog16 hydrog ?    ? A DG  7  O6    ? ? ? 1_555 B DC  6  N4 ? ? A DG  7  B DC  18 1_555 ? ? ? ? ? ? WATSON-CRICK ?     ? ? 
hydrog17 hydrog ?    ? A DT  8  N3    ? ? ? 1_555 B DA  5  N1 ? ? A DT  8  B DA  17 1_555 ? ? ? ? ? ? WATSON-CRICK ?     ? ? 
hydrog18 hydrog ?    ? A DT  8  O4    ? ? ? 1_555 B DA  5  N6 ? ? A DT  8  B DA  17 1_555 ? ? ? ? ? ? WATSON-CRICK ?     ? ? 
hydrog19 hydrog ?    ? A DT  9  N3    ? ? ? 1_555 B DA  4  N1 ? ? A DT  9  B DA  16 1_555 ? ? ? ? ? ? WATSON-CRICK ?     ? ? 
hydrog20 hydrog ?    ? A DT  9  O4    ? ? ? 1_555 B DA  4  N6 ? ? A DT  9  B DA  16 1_555 ? ? ? ? ? ? WATSON-CRICK ?     ? ? 
hydrog21 hydrog ?    ? A DT  10 N3    ? ? ? 1_555 B DA  3  N1 ? ? A DT  10 B DA  15 1_555 ? ? ? ? ? ? WATSON-CRICK ?     ? ? 
hydrog22 hydrog ?    ? A DT  10 O4    ? ? ? 1_555 B DA  3  N6 ? ? A DT  10 B DA  15 1_555 ? ? ? ? ? ? WATSON-CRICK ?     ? ? 
hydrog23 hydrog ?    ? A DG  11 N1    ? ? ? 1_555 B DC  2  N3 ? ? A DG  11 B DC  14 1_555 ? ? ? ? ? ? WATSON-CRICK ?     ? ? 
hydrog24 hydrog ?    ? A DG  11 N2    ? ? ? 1_555 B DC  2  O2 ? ? A DG  11 B DC  14 1_555 ? ? ? ? ? ? WATSON-CRICK ?     ? ? 
hydrog25 hydrog ?    ? A DG  11 O6    ? ? ? 1_555 B DC  2  N4 ? ? A DG  11 B DC  14 1_555 ? ? ? ? ? ? WATSON-CRICK ?     ? ? 
hydrog26 hydrog ?    ? A DT  12 N3    ? ? ? 1_555 B DA  1  N1 ? ? A DT  12 B DA  13 1_555 ? ? ? ? ? ? WATSON-CRICK ?     ? ? 
hydrog27 hydrog ?    ? A DT  12 O4    ? ? ? 1_555 B DA  1  N6 ? ? A DT  12 B DA  13 1_555 ? ? ? ? ? ? WATSON-CRICK ?     ? ? 
# 
loop_
_struct_conn_type.id 
_struct_conn_type.criteria 
_struct_conn_type.reference 
covale ? ? 
hydrog ? ? 
# 
loop_
_pdbx_validate_rmsd_angle.id 
_pdbx_validate_rmsd_angle.PDB_model_num 
_pdbx_validate_rmsd_angle.auth_atom_id_1 
_pdbx_validate_rmsd_angle.auth_asym_id_1 
_pdbx_validate_rmsd_angle.auth_comp_id_1 
_pdbx_validate_rmsd_angle.auth_seq_id_1 
_pdbx_validate_rmsd_angle.PDB_ins_code_1 
_pdbx_validate_rmsd_angle.label_alt_id_1 
_pdbx_validate_rmsd_angle.auth_atom_id_2 
_pdbx_validate_rmsd_angle.auth_asym_id_2 
_pdbx_validate_rmsd_angle.auth_comp_id_2 
_pdbx_validate_rmsd_angle.auth_seq_id_2 
_pdbx_validate_rmsd_angle.PDB_ins_code_2 
_pdbx_validate_rmsd_angle.label_alt_id_2 
_pdbx_validate_rmsd_angle.auth_atom_id_3 
_pdbx_validate_rmsd_angle.auth_asym_id_3 
_pdbx_validate_rmsd_angle.auth_comp_id_3 
_pdbx_validate_rmsd_angle.auth_seq_id_3 
_pdbx_validate_rmsd_angle.PDB_ins_code_3 
_pdbx_validate_rmsd_angle.label_alt_id_3 
_pdbx_validate_rmsd_angle.angle_value 
_pdbx_validate_rmsd_angle.angle_target_value 
_pdbx_validate_rmsd_angle.angle_deviation 
_pdbx_validate_rmsd_angle.angle_standard_deviation 
_pdbx_validate_rmsd_angle.linker_flag 
1  1 "O4'" A DG 3  ? ? "C1'" A DG 3  ? ? N9 A DG 3  ? ? 110.28 108.30 1.98  0.30 N 
2  1 N3    A DC 4  ? ? C2    A DC 4  ? ? O2 A DC 4  ? ? 117.34 121.90 -4.56 0.70 N 
3  1 "O4'" A DT 6  ? ? "C1'" A DT 6  ? ? N1 A DT 6  ? ? 110.55 108.30 2.25  0.30 N 
4  1 C6    A DT 6  ? ? C5    A DT 6  ? ? C7 A DT 6  ? ? 119.14 122.90 -3.76 0.60 N 
5  1 C6    A DT 8  ? ? C5    A DT 8  ? ? C7 A DT 8  ? ? 119.24 122.90 -3.66 0.60 N 
6  1 "O4'" A DT 9  ? ? "C1'" A DT 9  ? ? N1 A DT 9  ? ? 110.29 108.30 1.99  0.30 N 
7  1 "O4'" A DT 10 ? ? "C1'" A DT 10 ? ? N1 A DT 10 ? ? 110.84 108.30 2.54  0.30 N 
8  1 "O4'" A DG 11 ? ? "C1'" A DG 11 ? ? N9 A DG 11 ? ? 110.38 108.30 2.08  0.30 N 
9  1 N1    A DG 11 ? ? C6    A DG 11 ? ? O6 A DG 11 ? ? 116.12 119.90 -3.78 0.60 N 
10 1 "O4'" A DT 12 ? ? "C1'" A DT 12 ? ? N1 A DT 12 ? ? 110.51 108.30 2.21  0.30 N 
11 1 C4    B DA 13 ? ? C5    B DA 13 ? ? C6 B DA 13 ? ? 113.61 117.00 -3.39 0.50 N 
12 1 C5    B DA 13 ? ? C6    B DA 13 ? ? N1 B DA 13 ? ? 121.11 117.70 3.41  0.50 N 
13 1 N1    B DA 13 ? ? C6    B DA 13 ? ? N6 B DA 13 ? ? 114.24 118.60 -4.36 0.60 N 
14 1 N3    B DC 14 ? ? C2    B DC 14 ? ? O2 B DC 14 ? ? 116.99 121.90 -4.91 0.70 N 
15 1 C4    B DA 15 ? ? C5    B DA 15 ? ? C6 B DA 15 ? ? 113.79 117.00 -3.21 0.50 N 
16 1 C5    B DA 15 ? ? C6    B DA 15 ? ? N1 B DA 15 ? ? 121.37 117.70 3.67  0.50 N 
17 1 N1    B DA 15 ? ? C6    B DA 15 ? ? N6 B DA 15 ? ? 113.82 118.60 -4.78 0.60 N 
18 1 C4    B DA 16 ? ? C5    B DA 16 ? ? C6 B DA 16 ? ? 113.55 117.00 -3.45 0.50 N 
19 1 C5    B DA 16 ? ? C6    B DA 16 ? ? N1 B DA 16 ? ? 121.58 117.70 3.88  0.50 N 
20 1 N1    B DA 16 ? ? C6    B DA 16 ? ? N6 B DA 16 ? ? 114.00 118.60 -4.60 0.60 N 
21 1 C4    B DA 17 ? ? C5    B DA 17 ? ? C6 B DA 17 ? ? 113.76 117.00 -3.24 0.50 N 
22 1 C5    B DA 17 ? ? C6    B DA 17 ? ? N1 B DA 17 ? ? 121.43 117.70 3.73  0.50 N 
23 1 N1    B DA 17 ? ? C6    B DA 17 ? ? N6 B DA 17 ? ? 114.35 118.60 -4.25 0.60 N 
24 1 N3    B DC 18 ? ? C2    B DC 18 ? ? O2 B DC 18 ? ? 117.42 121.90 -4.48 0.70 N 
25 1 C4    B DA 19 ? ? C5    B DA 19 ? ? C6 B DA 19 ? ? 113.84 117.00 -3.16 0.50 N 
26 1 C5    B DA 19 ? ? C6    B DA 19 ? ? N1 B DA 19 ? ? 121.54 117.70 3.84  0.50 N 
27 1 N1    B DA 19 ? ? C6    B DA 19 ? ? N6 B DA 19 ? ? 114.23 118.60 -4.37 0.60 N 
28 1 N3    B DC 22 ? ? C2    B DC 22 ? ? O2 B DC 22 ? ? 117.38 121.90 -4.52 0.70 N 
29 1 C4    B DA 23 ? ? C5    B DA 23 ? ? C6 B DA 23 ? ? 113.65 117.00 -3.35 0.50 N 
30 1 C5    B DA 23 ? ? C6    B DA 23 ? ? N1 B DA 23 ? ? 121.44 117.70 3.74  0.50 N 
31 1 N1    B DA 23 ? ? C6    B DA 23 ? ? N6 B DA 23 ? ? 113.81 118.60 -4.79 0.60 N 
32 1 "O4'" B DC 24 ? ? "C1'" B DC 24 ? ? N1 B DC 24 ? ? 110.45 108.30 2.15  0.30 N 
# 
loop_
_pdbx_validate_planes.id 
_pdbx_validate_planes.PDB_model_num 
_pdbx_validate_planes.auth_comp_id 
_pdbx_validate_planes.auth_asym_id 
_pdbx_validate_planes.auth_seq_id 
_pdbx_validate_planes.PDB_ins_code 
_pdbx_validate_planes.label_alt_id 
_pdbx_validate_planes.rmsd 
_pdbx_validate_planes.type 
1 1 DG A 1  ? ? 0.057 'SIDE CHAIN' 
2 1 DT A 2  ? ? 0.077 'SIDE CHAIN' 
3 1 DG A 11 ? ? 0.057 'SIDE CHAIN' 
4 1 DA B 15 ? ? 0.057 'SIDE CHAIN' 
# 
_pdbx_nmr_ensemble.average_constraint_violations_per_residue     ? 
_pdbx_nmr_ensemble.average_constraints_per_residue               ? 
_pdbx_nmr_ensemble.average_distance_constraint_violation         ? 
_pdbx_nmr_ensemble.average_torsion_angle_constraint_violation    ? 
_pdbx_nmr_ensemble.conformer_selection_criteria                  'back calculated data agree with experimental NOESY spectrum' 
_pdbx_nmr_ensemble.conformers_calculated_total_number            10 
_pdbx_nmr_ensemble.conformers_submitted_total_number             1 
_pdbx_nmr_ensemble.distance_constraint_violation_method          ? 
_pdbx_nmr_ensemble.entry_id                                      2LG0 
_pdbx_nmr_ensemble.maximum_distance_constraint_violation         ? 
_pdbx_nmr_ensemble.maximum_lower_distance_constraint_violation   ? 
_pdbx_nmr_ensemble.maximum_torsion_angle_constraint_violation    ? 
_pdbx_nmr_ensemble.maximum_upper_distance_constraint_violation   ? 
_pdbx_nmr_ensemble.torsion_angle_constraint_violation_method     ? 
# 
_pdbx_nmr_representative.conformer_id         1 
_pdbx_nmr_representative.entry_id             2LG0 
_pdbx_nmr_representative.selection_criteria   'closest to the average' 
# 
_pdbx_nmr_sample_details.contents         
;1.0 mM DNA (5'-D(*GP*TP*GP*CP*TP*GP*TP*TP*TP*GP*T)-3'), 1.0 mM DNA (5'-D(*AP*CP*AP*AP*AP*CP*AP*CP*GP*CP*AP*C)-3'), 100% D2O
;
_pdbx_nmr_sample_details.solution_id      1 
_pdbx_nmr_sample_details.solvent_system   '100% D2O' 
# 
loop_
_pdbx_nmr_exptl_sample.component 
_pdbx_nmr_exptl_sample.concentration 
_pdbx_nmr_exptl_sample.concentration_range 
_pdbx_nmr_exptl_sample.concentration_units 
_pdbx_nmr_exptl_sample.isotopic_labeling 
_pdbx_nmr_exptl_sample.solution_id 
;DNA (5'-D(*GP*TP*GP*CP*TP*GP*TP*TP*TP*GP*T)-3')-1
;
1.0 ? mM ? 1 
;DNA (5'-D(*AP*CP*AP*AP*AP*CP*AP*CP*GP*CP*AP*C)-3')-2
;
1.0 ? mM ? 1 
# 
_pdbx_nmr_exptl_sample_conditions.conditions_id       1 
_pdbx_nmr_exptl_sample_conditions.ionic_strength      100 
_pdbx_nmr_exptl_sample_conditions.pH                  7.0 
_pdbx_nmr_exptl_sample_conditions.pressure            ambient 
_pdbx_nmr_exptl_sample_conditions.pressure_units      ? 
_pdbx_nmr_exptl_sample_conditions.temperature         303 
_pdbx_nmr_exptl_sample_conditions.temperature_units   K 
# 
loop_
_pdbx_nmr_exptl.conditions_id 
_pdbx_nmr_exptl.experiment_id 
_pdbx_nmr_exptl.solution_id 
_pdbx_nmr_exptl.type 
1 1 1 '2D 1H-1H NOESY' 
1 2 1 '2D 1H-1H COSY'  
# 
_pdbx_nmr_refine.entry_id           2LG0 
_pdbx_nmr_refine.method             'simulated annealing' 
_pdbx_nmr_refine.details            ? 
_pdbx_nmr_refine.software_ordinal   1 
# 
_pdbx_nmr_software.authors          'Case, Darden, Cheatham, III, Simmerling, Wang, Duke, Luo, and Kollm' 
_pdbx_nmr_software.classification   refinement 
_pdbx_nmr_software.name             Amber 
_pdbx_nmr_software.version          10 
_pdbx_nmr_software.ordinal          1 
# 
loop_
_chem_comp_atom.comp_id 
_chem_comp_atom.atom_id 
_chem_comp_atom.type_symbol 
_chem_comp_atom.pdbx_aromatic_flag 
_chem_comp_atom.pdbx_stereo_config 
_chem_comp_atom.pdbx_ordinal 
02I P      P N N 1   
02I N1     N Y N 2   
02I C2     C Y N 3   
02I N3     N Y N 4   
02I C4     C Y N 5   
02I C5     C Y N 6   
02I C6     C Y N 7   
02I N6     N N N 8   
02I N7     N Y N 9   
02I C8     C Y N 10  
02I N9     N Y N 11  
02I "C1'"  C N R 12  
02I OP3    O N N 13  
02I "C2'"  C N N 14  
02I OP2    O N N 15  
02I "C3'"  C N S 16  
02I "O3'"  O N N 17  
02I "C4'"  C N S 18  
02I "O4'"  O N N 19  
02I "C5'"  C N S 20  
02I "O5'"  O N N 21  
02I H2     H N N 22  
02I H1N6   H N N 23  
02I H2N6   H N N 24  
02I "H1'"  H N N 25  
02I "H12'" H N N 26  
02I "H22'" H N N 27  
02I "H3'"  H N N 28  
02I "H4'"  H N N 29  
02I "H5'"  H N N 30  
02I HOP3   H N N 31  
02I HOP2   H N N 32  
02I "HO3'" H N N 33  
02I OP1    O N N 34  
DA  OP3    O N N 35  
DA  P      P N N 36  
DA  OP1    O N N 37  
DA  OP2    O N N 38  
DA  "O5'"  O N N 39  
DA  "C5'"  C N N 40  
DA  "C4'"  C N R 41  
DA  "O4'"  O N N 42  
DA  "C3'"  C N S 43  
DA  "O3'"  O N N 44  
DA  "C2'"  C N N 45  
DA  "C1'"  C N R 46  
DA  N9     N Y N 47  
DA  C8     C Y N 48  
DA  N7     N Y N 49  
DA  C5     C Y N 50  
DA  C6     C Y N 51  
DA  N6     N N N 52  
DA  N1     N Y N 53  
DA  C2     C Y N 54  
DA  N3     N Y N 55  
DA  C4     C Y N 56  
DA  HOP3   H N N 57  
DA  HOP2   H N N 58  
DA  "H5'"  H N N 59  
DA  "H5''" H N N 60  
DA  "H4'"  H N N 61  
DA  "H3'"  H N N 62  
DA  "HO3'" H N N 63  
DA  "H2'"  H N N 64  
DA  "H2''" H N N 65  
DA  "H1'"  H N N 66  
DA  H8     H N N 67  
DA  H61    H N N 68  
DA  H62    H N N 69  
DA  H2     H N N 70  
DC  OP3    O N N 71  
DC  P      P N N 72  
DC  OP1    O N N 73  
DC  OP2    O N N 74  
DC  "O5'"  O N N 75  
DC  "C5'"  C N N 76  
DC  "C4'"  C N R 77  
DC  "O4'"  O N N 78  
DC  "C3'"  C N S 79  
DC  "O3'"  O N N 80  
DC  "C2'"  C N N 81  
DC  "C1'"  C N R 82  
DC  N1     N N N 83  
DC  C2     C N N 84  
DC  O2     O N N 85  
DC  N3     N N N 86  
DC  C4     C N N 87  
DC  N4     N N N 88  
DC  C5     C N N 89  
DC  C6     C N N 90  
DC  HOP3   H N N 91  
DC  HOP2   H N N 92  
DC  "H5'"  H N N 93  
DC  "H5''" H N N 94  
DC  "H4'"  H N N 95  
DC  "H3'"  H N N 96  
DC  "HO3'" H N N 97  
DC  "H2'"  H N N 98  
DC  "H2''" H N N 99  
DC  "H1'"  H N N 100 
DC  H41    H N N 101 
DC  H42    H N N 102 
DC  H5     H N N 103 
DC  H6     H N N 104 
DG  OP3    O N N 105 
DG  P      P N N 106 
DG  OP1    O N N 107 
DG  OP2    O N N 108 
DG  "O5'"  O N N 109 
DG  "C5'"  C N N 110 
DG  "C4'"  C N R 111 
DG  "O4'"  O N N 112 
DG  "C3'"  C N S 113 
DG  "O3'"  O N N 114 
DG  "C2'"  C N N 115 
DG  "C1'"  C N R 116 
DG  N9     N Y N 117 
DG  C8     C Y N 118 
DG  N7     N Y N 119 
DG  C5     C Y N 120 
DG  C6     C N N 121 
DG  O6     O N N 122 
DG  N1     N N N 123 
DG  C2     C N N 124 
DG  N2     N N N 125 
DG  N3     N N N 126 
DG  C4     C Y N 127 
DG  HOP3   H N N 128 
DG  HOP2   H N N 129 
DG  "H5'"  H N N 130 
DG  "H5''" H N N 131 
DG  "H4'"  H N N 132 
DG  "H3'"  H N N 133 
DG  "HO3'" H N N 134 
DG  "H2'"  H N N 135 
DG  "H2''" H N N 136 
DG  "H1'"  H N N 137 
DG  H8     H N N 138 
DG  H1     H N N 139 
DG  H21    H N N 140 
DG  H22    H N N 141 
DT  OP3    O N N 142 
DT  P      P N N 143 
DT  OP1    O N N 144 
DT  OP2    O N N 145 
DT  "O5'"  O N N 146 
DT  "C5'"  C N N 147 
DT  "C4'"  C N R 148 
DT  "O4'"  O N N 149 
DT  "C3'"  C N S 150 
DT  "O3'"  O N N 151 
DT  "C2'"  C N N 152 
DT  "C1'"  C N R 153 
DT  N1     N N N 154 
DT  C2     C N N 155 
DT  O2     O N N 156 
DT  N3     N N N 157 
DT  C4     C N N 158 
DT  O4     O N N 159 
DT  C5     C N N 160 
DT  C7     C N N 161 
DT  C6     C N N 162 
DT  HOP3   H N N 163 
DT  HOP2   H N N 164 
DT  "H5'"  H N N 165 
DT  "H5''" H N N 166 
DT  "H4'"  H N N 167 
DT  "H3'"  H N N 168 
DT  "HO3'" H N N 169 
DT  "H2'"  H N N 170 
DT  "H2''" H N N 171 
DT  "H1'"  H N N 172 
DT  H3     H N N 173 
DT  H71    H N N 174 
DT  H72    H N N 175 
DT  H73    H N N 176 
DT  H6     H N N 177 
# 
loop_
_chem_comp_bond.comp_id 
_chem_comp_bond.atom_id_1 
_chem_comp_bond.atom_id_2 
_chem_comp_bond.value_order 
_chem_comp_bond.pdbx_aromatic_flag 
_chem_comp_bond.pdbx_stereo_config 
_chem_comp_bond.pdbx_ordinal 
02I P      "O5'"  sing N N 1   
02I P      OP3    sing N N 2   
02I N1     C6     sing Y N 3   
02I C2     N1     doub Y N 4   
02I N3     C2     sing Y N 5   
02I N3     C4     doub Y N 6   
02I C4     C5     sing Y N 7   
02I C5     C6     doub Y N 8   
02I C5     N7     sing Y N 9   
02I C6     N6     sing N N 10  
02I N6     H2N6   sing N N 11  
02I C8     N7     doub Y N 12  
02I C8     "C5'"  sing N N 13  
02I N9     C4     sing Y N 14  
02I N9     C8     sing Y N 15  
02I "C1'"  N9     sing N N 16  
02I "C1'"  "C2'"  sing N N 17  
02I OP3    HOP3   sing N N 18  
02I "C2'"  "C3'"  sing N N 19  
02I "C2'"  "H12'" sing N N 20  
02I OP2    P      sing N N 21  
02I OP2    HOP2   sing N N 22  
02I "C3'"  "O3'"  sing N N 23  
02I "C3'"  "H3'"  sing N N 24  
02I "O3'"  "HO3'" sing N N 25  
02I "C4'"  "C3'"  sing N N 26  
02I "C4'"  "C5'"  sing N N 27  
02I "O4'"  "C1'"  sing N N 28  
02I "O4'"  "C4'"  sing N N 29  
02I "C5'"  "O5'"  sing N N 30  
02I H2     C2     sing N N 31  
02I H1N6   N6     sing N N 32  
02I "H1'"  "C1'"  sing N N 33  
02I "H22'" "C2'"  sing N N 34  
02I "H4'"  "C4'"  sing N N 35  
02I "H5'"  "C5'"  sing N N 36  
02I P      OP1    doub N N 37  
DA  OP3    P      sing N N 38  
DA  OP3    HOP3   sing N N 39  
DA  P      OP1    doub N N 40  
DA  P      OP2    sing N N 41  
DA  P      "O5'"  sing N N 42  
DA  OP2    HOP2   sing N N 43  
DA  "O5'"  "C5'"  sing N N 44  
DA  "C5'"  "C4'"  sing N N 45  
DA  "C5'"  "H5'"  sing N N 46  
DA  "C5'"  "H5''" sing N N 47  
DA  "C4'"  "O4'"  sing N N 48  
DA  "C4'"  "C3'"  sing N N 49  
DA  "C4'"  "H4'"  sing N N 50  
DA  "O4'"  "C1'"  sing N N 51  
DA  "C3'"  "O3'"  sing N N 52  
DA  "C3'"  "C2'"  sing N N 53  
DA  "C3'"  "H3'"  sing N N 54  
DA  "O3'"  "HO3'" sing N N 55  
DA  "C2'"  "C1'"  sing N N 56  
DA  "C2'"  "H2'"  sing N N 57  
DA  "C2'"  "H2''" sing N N 58  
DA  "C1'"  N9     sing N N 59  
DA  "C1'"  "H1'"  sing N N 60  
DA  N9     C8     sing Y N 61  
DA  N9     C4     sing Y N 62  
DA  C8     N7     doub Y N 63  
DA  C8     H8     sing N N 64  
DA  N7     C5     sing Y N 65  
DA  C5     C6     sing Y N 66  
DA  C5     C4     doub Y N 67  
DA  C6     N6     sing N N 68  
DA  C6     N1     doub Y N 69  
DA  N6     H61    sing N N 70  
DA  N6     H62    sing N N 71  
DA  N1     C2     sing Y N 72  
DA  C2     N3     doub Y N 73  
DA  C2     H2     sing N N 74  
DA  N3     C4     sing Y N 75  
DC  OP3    P      sing N N 76  
DC  OP3    HOP3   sing N N 77  
DC  P      OP1    doub N N 78  
DC  P      OP2    sing N N 79  
DC  P      "O5'"  sing N N 80  
DC  OP2    HOP2   sing N N 81  
DC  "O5'"  "C5'"  sing N N 82  
DC  "C5'"  "C4'"  sing N N 83  
DC  "C5'"  "H5'"  sing N N 84  
DC  "C5'"  "H5''" sing N N 85  
DC  "C4'"  "O4'"  sing N N 86  
DC  "C4'"  "C3'"  sing N N 87  
DC  "C4'"  "H4'"  sing N N 88  
DC  "O4'"  "C1'"  sing N N 89  
DC  "C3'"  "O3'"  sing N N 90  
DC  "C3'"  "C2'"  sing N N 91  
DC  "C3'"  "H3'"  sing N N 92  
DC  "O3'"  "HO3'" sing N N 93  
DC  "C2'"  "C1'"  sing N N 94  
DC  "C2'"  "H2'"  sing N N 95  
DC  "C2'"  "H2''" sing N N 96  
DC  "C1'"  N1     sing N N 97  
DC  "C1'"  "H1'"  sing N N 98  
DC  N1     C2     sing N N 99  
DC  N1     C6     sing N N 100 
DC  C2     O2     doub N N 101 
DC  C2     N3     sing N N 102 
DC  N3     C4     doub N N 103 
DC  C4     N4     sing N N 104 
DC  C4     C5     sing N N 105 
DC  N4     H41    sing N N 106 
DC  N4     H42    sing N N 107 
DC  C5     C6     doub N N 108 
DC  C5     H5     sing N N 109 
DC  C6     H6     sing N N 110 
DG  OP3    P      sing N N 111 
DG  OP3    HOP3   sing N N 112 
DG  P      OP1    doub N N 113 
DG  P      OP2    sing N N 114 
DG  P      "O5'"  sing N N 115 
DG  OP2    HOP2   sing N N 116 
DG  "O5'"  "C5'"  sing N N 117 
DG  "C5'"  "C4'"  sing N N 118 
DG  "C5'"  "H5'"  sing N N 119 
DG  "C5'"  "H5''" sing N N 120 
DG  "C4'"  "O4'"  sing N N 121 
DG  "C4'"  "C3'"  sing N N 122 
DG  "C4'"  "H4'"  sing N N 123 
DG  "O4'"  "C1'"  sing N N 124 
DG  "C3'"  "O3'"  sing N N 125 
DG  "C3'"  "C2'"  sing N N 126 
DG  "C3'"  "H3'"  sing N N 127 
DG  "O3'"  "HO3'" sing N N 128 
DG  "C2'"  "C1'"  sing N N 129 
DG  "C2'"  "H2'"  sing N N 130 
DG  "C2'"  "H2''" sing N N 131 
DG  "C1'"  N9     sing N N 132 
DG  "C1'"  "H1'"  sing N N 133 
DG  N9     C8     sing Y N 134 
DG  N9     C4     sing Y N 135 
DG  C8     N7     doub Y N 136 
DG  C8     H8     sing N N 137 
DG  N7     C5     sing Y N 138 
DG  C5     C6     sing N N 139 
DG  C5     C4     doub Y N 140 
DG  C6     O6     doub N N 141 
DG  C6     N1     sing N N 142 
DG  N1     C2     sing N N 143 
DG  N1     H1     sing N N 144 
DG  C2     N2     sing N N 145 
DG  C2     N3     doub N N 146 
DG  N2     H21    sing N N 147 
DG  N2     H22    sing N N 148 
DG  N3     C4     sing N N 149 
DT  OP3    P      sing N N 150 
DT  OP3    HOP3   sing N N 151 
DT  P      OP1    doub N N 152 
DT  P      OP2    sing N N 153 
DT  P      "O5'"  sing N N 154 
DT  OP2    HOP2   sing N N 155 
DT  "O5'"  "C5'"  sing N N 156 
DT  "C5'"  "C4'"  sing N N 157 
DT  "C5'"  "H5'"  sing N N 158 
DT  "C5'"  "H5''" sing N N 159 
DT  "C4'"  "O4'"  sing N N 160 
DT  "C4'"  "C3'"  sing N N 161 
DT  "C4'"  "H4'"  sing N N 162 
DT  "O4'"  "C1'"  sing N N 163 
DT  "C3'"  "O3'"  sing N N 164 
DT  "C3'"  "C2'"  sing N N 165 
DT  "C3'"  "H3'"  sing N N 166 
DT  "O3'"  "HO3'" sing N N 167 
DT  "C2'"  "C1'"  sing N N 168 
DT  "C2'"  "H2'"  sing N N 169 
DT  "C2'"  "H2''" sing N N 170 
DT  "C1'"  N1     sing N N 171 
DT  "C1'"  "H1'"  sing N N 172 
DT  N1     C2     sing N N 173 
DT  N1     C6     sing N N 174 
DT  C2     O2     doub N N 175 
DT  C2     N3     sing N N 176 
DT  N3     C4     sing N N 177 
DT  N3     H3     sing N N 178 
DT  C4     O4     doub N N 179 
DT  C4     C5     sing N N 180 
DT  C5     C7     sing N N 181 
DT  C5     C6     doub N N 182 
DT  C7     H71    sing N N 183 
DT  C7     H72    sing N N 184 
DT  C7     H73    sing N N 185 
DT  C6     H6     sing N N 186 
# 
loop_
_ndb_struct_conf_na.entry_id 
_ndb_struct_conf_na.feature 
2LG0 'double helix'         
2LG0 'b-form double helix'  
2LG0 'mismatched base pair' 
# 
loop_
_ndb_struct_na_base_pair.model_number 
_ndb_struct_na_base_pair.i_label_asym_id 
_ndb_struct_na_base_pair.i_label_comp_id 
_ndb_struct_na_base_pair.i_label_seq_id 
_ndb_struct_na_base_pair.i_symmetry 
_ndb_struct_na_base_pair.j_label_asym_id 
_ndb_struct_na_base_pair.j_label_comp_id 
_ndb_struct_na_base_pair.j_label_seq_id 
_ndb_struct_na_base_pair.j_symmetry 
_ndb_struct_na_base_pair.shear 
_ndb_struct_na_base_pair.stretch 
_ndb_struct_na_base_pair.stagger 
_ndb_struct_na_base_pair.buckle 
_ndb_struct_na_base_pair.propeller 
_ndb_struct_na_base_pair.opening 
_ndb_struct_na_base_pair.pair_number 
_ndb_struct_na_base_pair.pair_name 
_ndb_struct_na_base_pair.i_auth_asym_id 
_ndb_struct_na_base_pair.i_auth_seq_id 
_ndb_struct_na_base_pair.i_PDB_ins_code 
_ndb_struct_na_base_pair.j_auth_asym_id 
_ndb_struct_na_base_pair.j_auth_seq_id 
_ndb_struct_na_base_pair.j_PDB_ins_code 
_ndb_struct_na_base_pair.hbond_type_28 
_ndb_struct_na_base_pair.hbond_type_12 
1 A DG 1  1_555 B DC 12 1_555 -0.361 -0.138 0.165  -2.704  17.936  3.855  1  A_DG1:DC24_B  A 1  ? B 24 ? 19 1 
1 A DT 2  1_555 B DA 11 1_555 -0.271 0.068  -0.150 6.882   -4.557  -4.471 2  A_DT2:DA23_B  A 2  ? B 23 ? 20 1 
1 A DG 3  1_555 B DC 10 1_555 -0.202 -0.063 0.233  11.251  4.962   -0.670 3  A_DG3:DC22_B  A 3  ? B 22 ? 19 1 
1 A DC 4  1_555 B DG 9  1_555 0.209  -0.058 -0.162 16.176  -10.285 0.093  4  A_DC4:DG21_B  A 4  ? B 21 ? 19 1 
1 A DT 6  1_555 B DA 7  1_555 -0.292 0.131  -0.410 6.764   -4.126  -7.593 5  A_DT6:DA19_B  A 6  ? B 19 ? 20 1 
1 A DG 7  1_555 B DC 6  1_555 -0.225 -0.103 0.105  -7.881  -12.861 -1.657 6  A_DG7:DC18_B  A 7  ? B 18 ? 19 1 
1 A DT 8  1_555 B DA 5  1_555 -0.226 0.014  0.219  -11.582 -12.360 -2.547 7  A_DT8:DA17_B  A 8  ? B 17 ? 20 1 
1 A DT 9  1_555 B DA 4  1_555 -0.234 0.012  -0.103 -6.274  -12.990 -2.726 8  A_DT9:DA16_B  A 9  ? B 16 ? 20 1 
1 A DT 10 1_555 B DA 3  1_555 0.060  -0.061 -0.312 -5.772  -14.321 -1.049 9  A_DT10:DA15_B A 10 ? B 15 ? 20 1 
1 A DG 11 1_555 B DC 2  1_555 -0.350 -0.059 -0.159 -23.823 -16.261 -2.191 10 A_DG11:DC14_B A 11 ? B 14 ? 19 1 
1 A DT 12 1_555 B DA 1  1_555 -0.071 -0.029 0.821  -23.213 -9.843  -2.161 11 A_DT12:DA13_B A 12 ? B 13 ? 20 1 
# 
loop_
_ndb_struct_na_base_pair_step.model_number 
_ndb_struct_na_base_pair_step.i_label_asym_id_1 
_ndb_struct_na_base_pair_step.i_label_comp_id_1 
_ndb_struct_na_base_pair_step.i_label_seq_id_1 
_ndb_struct_na_base_pair_step.i_symmetry_1 
_ndb_struct_na_base_pair_step.j_label_asym_id_1 
_ndb_struct_na_base_pair_step.j_label_comp_id_1 
_ndb_struct_na_base_pair_step.j_label_seq_id_1 
_ndb_struct_na_base_pair_step.j_symmetry_1 
_ndb_struct_na_base_pair_step.i_label_asym_id_2 
_ndb_struct_na_base_pair_step.i_label_comp_id_2 
_ndb_struct_na_base_pair_step.i_label_seq_id_2 
_ndb_struct_na_base_pair_step.i_symmetry_2 
_ndb_struct_na_base_pair_step.j_label_asym_id_2 
_ndb_struct_na_base_pair_step.j_label_comp_id_2 
_ndb_struct_na_base_pair_step.j_label_seq_id_2 
_ndb_struct_na_base_pair_step.j_symmetry_2 
_ndb_struct_na_base_pair_step.shift 
_ndb_struct_na_base_pair_step.slide 
_ndb_struct_na_base_pair_step.rise 
_ndb_struct_na_base_pair_step.tilt 
_ndb_struct_na_base_pair_step.roll 
_ndb_struct_na_base_pair_step.twist 
_ndb_struct_na_base_pair_step.x_displacement 
_ndb_struct_na_base_pair_step.y_displacement 
_ndb_struct_na_base_pair_step.helical_rise 
_ndb_struct_na_base_pair_step.inclination 
_ndb_struct_na_base_pair_step.tip 
_ndb_struct_na_base_pair_step.helical_twist 
_ndb_struct_na_base_pair_step.step_number 
_ndb_struct_na_base_pair_step.step_name 
_ndb_struct_na_base_pair_step.i_auth_asym_id_1 
_ndb_struct_na_base_pair_step.i_auth_seq_id_1 
_ndb_struct_na_base_pair_step.i_PDB_ins_code_1 
_ndb_struct_na_base_pair_step.j_auth_asym_id_1 
_ndb_struct_na_base_pair_step.j_auth_seq_id_1 
_ndb_struct_na_base_pair_step.j_PDB_ins_code_1 
_ndb_struct_na_base_pair_step.i_auth_asym_id_2 
_ndb_struct_na_base_pair_step.i_auth_seq_id_2 
_ndb_struct_na_base_pair_step.i_PDB_ins_code_2 
_ndb_struct_na_base_pair_step.j_auth_asym_id_2 
_ndb_struct_na_base_pair_step.j_auth_seq_id_2 
_ndb_struct_na_base_pair_step.j_PDB_ins_code_2 
1 A DG 1  1_555 B DC 12 1_555 A DT 2  1_555 B DA 11 1_555 -0.845 -0.499 3.251 4.111  3.660  29.001 -1.733 2.506  3.020 7.226  
-8.118 29.507 1  AA_DG1DT2:DA23DC24_BB   A 1  ? B 24 ? A 2  ? B 23 ? 
1 A DT 2  1_555 B DA 11 1_555 A DG 3  1_555 B DC 10 1_555 0.572  -0.709 3.138 -3.166 11.269 28.216 -3.394 -1.663 2.593 21.959 
6.169  30.502 2  AA_DT2DG3:DC22DA23_BB   A 2  ? B 23 ? A 3  ? B 22 ? 
1 A DG 3  1_555 B DC 10 1_555 A DC 4  1_555 B DG 9  1_555 -0.123 -0.556 3.254 3.069  2.089  36.513 -1.166 0.611  3.198 3.324  
-4.883 36.695 3  AA_DG3DC4:DG21DC22_BB   A 3  ? B 22 ? A 4  ? B 21 ? 
1 A DC 4  1_555 B DG 9  1_555 A DT 6  1_555 B DA 7  1_555 -1.459 -0.358 6.672 -6.640 17.880 65.975 -1.700 0.786  6.507 16.075 
5.970  68.376 4  AA_DC4DT6:DA19DG21_BB   A 4  ? B 21 ? A 6  ? B 19 ? 
1 A DT 6  1_555 B DA 7  1_555 A DG 7  1_555 B DC 6  1_555 0.810  -1.307 3.620 -1.997 10.195 32.787 -3.877 -1.698 3.037 17.521 
3.432  34.350 5  AA_DT6DG7:DC18DA19_BB   A 6  ? B 19 ? A 7  ? B 18 ? 
1 A DG 7  1_555 B DC 6  1_555 A DT 8  1_555 B DA 5  1_555 -0.373 -1.287 3.428 0.350  1.074  33.466 -2.418 0.708  3.383 1.864  
-0.608 33.485 6  AA_DG7DT8:DA17DC18_BB   A 7  ? B 18 ? A 8  ? B 17 ? 
1 A DT 8  1_555 B DA 5  1_555 A DT 9  1_555 B DA 4  1_555 0.085  -0.777 3.167 2.445  -0.252 32.654 -1.336 0.259  3.170 -0.447 
-4.342 32.743 7  AA_DT8DT9:DA16DA17_BB   A 8  ? B 17 ? A 9  ? B 16 ? 
1 A DT 9  1_555 B DA 4  1_555 A DT 10 1_555 B DA 3  1_555 0.304  -0.637 3.316 2.510  1.594  32.525 -1.413 -0.100 3.296 2.839  
-4.470 32.657 8  AA_DT9DT10:DA15DA16_BB  A 9  ? B 16 ? A 10 ? B 15 ? 
1 A DT 10 1_555 B DA 3  1_555 A DG 11 1_555 B DC 2  1_555 0.306  -0.985 3.654 0.777  15.521 34.277 -3.682 -0.368 2.958 24.815 
-1.242 37.539 9  AA_DT10DG11:DC14DA15_BB A 10 ? B 15 ? A 11 ? B 14 ? 
1 A DG 11 1_555 B DC 2  1_555 A DT 12 1_555 B DA 1  1_555 -0.003 -0.987 3.405 -5.844 1.632  31.428 -2.095 -1.087 3.298 2.978  
10.664 31.994 10 AA_DG11DT12:DA13DC14_BB A 11 ? B 14 ? A 12 ? B 13 ? 
# 
_pdbx_nmr_spectrometer.field_strength    800 
_pdbx_nmr_spectrometer.manufacturer      Bruker 
_pdbx_nmr_spectrometer.model             AVANCE 
_pdbx_nmr_spectrometer.spectrometer_id   1 
_pdbx_nmr_spectrometer.type              'Bruker Avance' 
# 
_atom_sites.entry_id                    2LG0 
_atom_sites.fract_transf_matrix[1][1]   1.000000 
_atom_sites.fract_transf_matrix[1][2]   0.000000 
_atom_sites.fract_transf_matrix[1][3]   0.000000 
_atom_sites.fract_transf_matrix[2][1]   0.000000 
_atom_sites.fract_transf_matrix[2][2]   1.000000 
_atom_sites.fract_transf_matrix[2][3]   0.000000 
_atom_sites.fract_transf_matrix[3][1]   0.000000 
_atom_sites.fract_transf_matrix[3][2]   0.000000 
_atom_sites.fract_transf_matrix[3][3]   1.000000 
_atom_sites.fract_transf_vector[1]      0.00000 
_atom_sites.fract_transf_vector[2]      0.00000 
_atom_sites.fract_transf_vector[3]      0.00000 
# 
loop_
_atom_type.symbol 
C 
H 
N 
O 
P 
# 
loop_
_atom_site.group_PDB 
_atom_site.id 
_atom_site.type_symbol 
_atom_site.label_atom_id 
_atom_site.label_alt_id 
_atom_site.label_comp_id 
_atom_site.label_asym_id 
_atom_site.label_entity_id 
_atom_site.label_seq_id 
_atom_site.pdbx_PDB_ins_code 
_atom_site.Cartn_x 
_atom_site.Cartn_y 
_atom_site.Cartn_z 
_atom_site.occupancy 
_atom_site.B_iso_or_equiv 
_atom_site.pdbx_formal_charge 
_atom_site.auth_seq_id 
_atom_site.auth_comp_id 
_atom_site.auth_asym_id 
_atom_site.auth_atom_id 
_atom_site.pdbx_PDB_model_num 
ATOM   1   O "O5'"  . DG  A 1 1  ? 0.130   -16.385 -9.431  1.00 0.00 ? 1  DG  A "O5'"  1 
ATOM   2   C "C5'"  . DG  A 1 1  ? -0.899  -16.760 -10.341 1.00 0.00 ? 1  DG  A "C5'"  1 
ATOM   3   C "C4'"  . DG  A 1 1  ? -2.195  -15.942 -10.201 1.00 0.00 ? 1  DG  A "C4'"  1 
ATOM   4   O "O4'"  . DG  A 1 1  ? -2.853  -16.255 -8.984  1.00 0.00 ? 1  DG  A "O4'"  1 
ATOM   5   C "C3'"  . DG  A 1 1  ? -1.992  -14.431 -10.264 1.00 0.00 ? 1  DG  A "C3'"  1 
ATOM   6   O "O3'"  . DG  A 1 1  ? -3.037  -13.910 -11.063 1.00 0.00 ? 1  DG  A "O3'"  1 
ATOM   7   C "C2'"  . DG  A 1 1  ? -2.067  -14.005 -8.802  1.00 0.00 ? 1  DG  A "C2'"  1 
ATOM   8   C "C1'"  . DG  A 1 1  ? -2.943  -15.090 -8.171  1.00 0.00 ? 1  DG  A "C1'"  1 
ATOM   9   N N9     . DG  A 1 1  ? -2.522  -15.463 -6.802  1.00 0.00 ? 1  DG  A N9     1 
ATOM   10  C C8     . DG  A 1 1  ? -1.309  -15.955 -6.389  1.00 0.00 ? 1  DG  A C8     1 
ATOM   11  N N7     . DG  A 1 1  ? -1.285  -16.375 -5.153  1.00 0.00 ? 1  DG  A N7     1 
ATOM   12  C C5     . DG  A 1 1  ? -2.584  -16.098 -4.690  1.00 0.00 ? 1  DG  A C5     1 
ATOM   13  C C6     . DG  A 1 1  ? -3.239  -16.347 -3.428  1.00 0.00 ? 1  DG  A C6     1 
ATOM   14  O O6     . DG  A 1 1  ? -2.811  -16.880 -2.401  1.00 0.00 ? 1  DG  A O6     1 
ATOM   15  N N1     . DG  A 1 1  ? -4.566  -15.975 -3.422  1.00 0.00 ? 1  DG  A N1     1 
ATOM   16  C C2     . DG  A 1 1  ? -5.200  -15.398 -4.466  1.00 0.00 ? 1  DG  A C2     1 
ATOM   17  N N2     . DG  A 1 1  ? -6.445  -15.055 -4.290  1.00 0.00 ? 1  DG  A N2     1 
ATOM   18  N N3     . DG  A 1 1  ? -4.650  -15.155 -5.650  1.00 0.00 ? 1  DG  A N3     1 
ATOM   19  C C4     . DG  A 1 1  ? -3.337  -15.530 -5.700  1.00 0.00 ? 1  DG  A C4     1 
ATOM   20  H "H5'"  . DG  A 1 1  ? -1.150  -17.813 -10.198 1.00 0.00 ? 1  DG  A "H5'"  1 
ATOM   21  H "H5''" . DG  A 1 1  ? -0.534  -16.627 -11.360 1.00 0.00 ? 1  DG  A "H5''" 1 
ATOM   22  H "H4'"  . DG  A 1 1  ? -2.856  -16.219 -11.023 1.00 0.00 ? 1  DG  A "H4'"  1 
ATOM   23  H "H3'"  . DG  A 1 1  ? -1.024  -14.174 -10.697 1.00 0.00 ? 1  DG  A "H3'"  1 
ATOM   24  H "H2'"  . DG  A 1 1  ? -1.065  -14.002 -8.372  1.00 0.00 ? 1  DG  A "H2'"  1 
ATOM   25  H "H2''" . DG  A 1 1  ? -2.519  -13.020 -8.690  1.00 0.00 ? 1  DG  A "H2''" 1 
ATOM   26  H "H1'"  . DG  A 1 1  ? -3.978  -14.731 -8.153  1.00 0.00 ? 1  DG  A "H1'"  1 
ATOM   27  H H8     . DG  A 1 1  ? -0.463  -16.020 -7.053  1.00 0.00 ? 1  DG  A H8     1 
ATOM   28  H H1     . DG  A 1 1  ? -5.068  -16.100 -2.558  1.00 0.00 ? 1  DG  A H1     1 
ATOM   29  H H21    . DG  A 1 1  ? -6.846  -14.417 -4.955  1.00 0.00 ? 1  DG  A H21    1 
ATOM   30  H H22    . DG  A 1 1  ? -6.929  -15.320 -3.438  1.00 0.00 ? 1  DG  A H22    1 
ATOM   31  H "HO5'" . DG  A 1 1  ? 0.928   -16.883 -9.625  1.00 0.00 ? 1  DG  A "HO5'" 1 
ATOM   32  P P      . DT  A 1 2  ? -3.047  -12.382 -11.556 1.00 0.00 ? 2  DT  A P      1 
ATOM   33  O OP1    . DT  A 1 2  ? -3.730  -12.365 -12.867 1.00 0.00 ? 2  DT  A OP1    1 
ATOM   34  O OP2    . DT  A 1 2  ? -1.669  -11.866 -11.422 1.00 0.00 ? 2  DT  A OP2    1 
ATOM   35  O "O5'"  . DT  A 1 2  ? -3.997  -11.712 -10.440 1.00 0.00 ? 2  DT  A "O5'"  1 
ATOM   36  C "C5'"  . DT  A 1 2  ? -5.396  -11.954 -10.477 1.00 0.00 ? 2  DT  A "C5'"  1 
ATOM   37  C "C4'"  . DT  A 1 2  ? -6.179  -11.450 -9.257  1.00 0.00 ? 2  DT  A "C4'"  1 
ATOM   38  O "O4'"  . DT  A 1 2  ? -5.705  -12.061 -8.066  1.00 0.00 ? 2  DT  A "O4'"  1 
ATOM   39  C "C3'"  . DT  A 1 2  ? -6.195  -9.929  -9.056  1.00 0.00 ? 2  DT  A "C3'"  1 
ATOM   40  O "O3'"  . DT  A 1 2  ? -7.559  -9.527  -8.982  1.00 0.00 ? 2  DT  A "O3'"  1 
ATOM   41  C "C2'"  . DT  A 1 2  ? -5.468  -9.761  -7.722  1.00 0.00 ? 2  DT  A "C2'"  1 
ATOM   42  C "C1'"  . DT  A 1 2  ? -5.768  -11.094 -7.034  1.00 0.00 ? 2  DT  A "C1'"  1 
ATOM   43  N N1     . DT  A 1 2  ? -4.819  -11.483 -5.957  1.00 0.00 ? 2  DT  A N1     1 
ATOM   44  C C2     . DT  A 1 2  ? -5.352  -11.913 -4.731  1.00 0.00 ? 2  DT  A C2     1 
ATOM   45  O O2     . DT  A 1 2  ? -6.558  -11.988 -4.502  1.00 0.00 ? 2  DT  A O2     1 
ATOM   46  N N3     . DT  A 1 2  ? -4.453  -12.348 -3.783  1.00 0.00 ? 2  DT  A N3     1 
ATOM   47  C C4     . DT  A 1 2  ? -3.104  -12.521 -3.985  1.00 0.00 ? 2  DT  A C4     1 
ATOM   48  O O4     . DT  A 1 2  ? -2.456  -13.120 -3.131  1.00 0.00 ? 2  DT  A O4     1 
ATOM   49  C C5     . DT  A 1 2  ? -2.604  -12.038 -5.272  1.00 0.00 ? 2  DT  A C5     1 
ATOM   50  C C7     . DT  A 1 2  ? -1.123  -12.136 -5.596  1.00 0.00 ? 2  DT  A C7     1 
ATOM   51  C C6     . DT  A 1 2  ? -3.462  -11.542 -6.203  1.00 0.00 ? 2  DT  A C6     1 
ATOM   52  H "H5'"  . DT  A 1 2  ? -5.558  -13.028 -10.557 1.00 0.00 ? 2  DT  A "H5'"  1 
ATOM   53  H "H5''" . DT  A 1 2  ? -5.807  -11.487 -11.373 1.00 0.00 ? 2  DT  A "H5''" 1 
ATOM   54  H "H4'"  . DT  A 1 2  ? -7.215  -11.760 -9.395  1.00 0.00 ? 2  DT  A "H4'"  1 
ATOM   55  H "H3'"  . DT  A 1 2  ? -5.670  -9.413  -9.865  1.00 0.00 ? 2  DT  A "H3'"  1 
ATOM   56  H "H2'"  . DT  A 1 2  ? -4.403  -9.633  -7.912  1.00 0.00 ? 2  DT  A "H2'"  1 
ATOM   57  H "H2''" . DT  A 1 2  ? -5.851  -8.922  -7.145  1.00 0.00 ? 2  DT  A "H2''" 1 
ATOM   58  H "H1'"  . DT  A 1 2  ? -6.790  -11.043 -6.644  1.00 0.00 ? 2  DT  A "H1'"  1 
ATOM   59  H H3     . DT  A 1 2  ? -4.822  -12.638 -2.887  1.00 0.00 ? 2  DT  A H3     1 
ATOM   60  H H71    . DT  A 1 2  ? -0.794  -13.169 -5.478  1.00 0.00 ? 2  DT  A H71    1 
ATOM   61  H H72    . DT  A 1 2  ? -0.915  -11.790 -6.609  1.00 0.00 ? 2  DT  A H72    1 
ATOM   62  H H73    . DT  A 1 2  ? -0.574  -11.522 -4.882  1.00 0.00 ? 2  DT  A H73    1 
ATOM   63  H H6     . DT  A 1 2  ? -3.092  -11.225 -7.168  1.00 0.00 ? 2  DT  A H6     1 
ATOM   64  P P      . DG  A 1 3  ? -8.021  -7.990  -9.130  1.00 0.00 ? 3  DG  A P      1 
ATOM   65  O OP1    . DG  A 1 3  ? -9.459  -7.995  -9.483  1.00 0.00 ? 3  DG  A OP1    1 
ATOM   66  O OP2    . DG  A 1 3  ? -7.053  -7.308  -10.008 1.00 0.00 ? 3  DG  A OP2    1 
ATOM   67  O "O5'"  . DG  A 1 3  ? -7.860  -7.440  -7.628  1.00 0.00 ? 3  DG  A "O5'"  1 
ATOM   68  C "C5'"  . DG  A 1 3  ? -8.845  -7.729  -6.649  1.00 0.00 ? 3  DG  A "C5'"  1 
ATOM   69  C "C4'"  . DG  A 1 3  ? -8.434  -7.349  -5.219  1.00 0.00 ? 3  DG  A "C4'"  1 
ATOM   70  O "O4'"  . DG  A 1 3  ? -7.435  -8.222  -4.712  1.00 0.00 ? 3  DG  A "O4'"  1 
ATOM   71  C "C3'"  . DG  A 1 3  ? -7.946  -5.906  -5.016  1.00 0.00 ? 3  DG  A "C3'"  1 
ATOM   72  O "O3'"  . DG  A 1 3  ? -8.850  -5.272  -4.122  1.00 0.00 ? 3  DG  A "O3'"  1 
ATOM   73  C "C2'"  . DG  A 1 3  ? -6.562  -6.112  -4.398  1.00 0.00 ? 3  DG  A "C2'"  1 
ATOM   74  C "C1'"  . DG  A 1 3  ? -6.706  -7.485  -3.748  1.00 0.00 ? 3  DG  A "C1'"  1 
ATOM   75  N N9     . DG  A 1 3  ? -5.428  -8.166  -3.441  1.00 0.00 ? 3  DG  A N9     1 
ATOM   76  C C8     . DG  A 1 3  ? -4.352  -8.381  -4.263  1.00 0.00 ? 3  DG  A C8     1 
ATOM   77  N N7     . DG  A 1 3  ? -3.385  -9.072  -3.718  1.00 0.00 ? 3  DG  A N7     1 
ATOM   78  C C5     . DG  A 1 3  ? -3.850  -9.322  -2.415  1.00 0.00 ? 3  DG  A C5     1 
ATOM   79  C C6     . DG  A 1 3  ? -3.282  -10.046 -1.305  1.00 0.00 ? 3  DG  A C6     1 
ATOM   80  O O6     . DG  A 1 3  ? -2.220  -10.660 -1.224  1.00 0.00 ? 3  DG  A O6     1 
ATOM   81  N N1     . DG  A 1 3  ? -4.085  -10.052 -0.183  1.00 0.00 ? 3  DG  A N1     1 
ATOM   82  C C2     . DG  A 1 3  ? -5.298  -9.461  -0.119  1.00 0.00 ? 3  DG  A C2     1 
ATOM   83  N N2     . DG  A 1 3  ? -5.944  -9.542  1.008   1.00 0.00 ? 3  DG  A N2     1 
ATOM   84  N N3     . DG  A 1 3  ? -5.881  -8.806  -1.121  1.00 0.00 ? 3  DG  A N3     1 
ATOM   85  C C4     . DG  A 1 3  ? -5.102  -8.765  -2.245  1.00 0.00 ? 3  DG  A C4     1 
ATOM   86  H "H5'"  . DG  A 1 3  ? -9.062  -8.797  -6.668  1.00 0.00 ? 3  DG  A "H5'"  1 
ATOM   87  H "H5''" . DG  A 1 3  ? -9.754  -7.183  -6.908  1.00 0.00 ? 3  DG  A "H5''" 1 
ATOM   88  H "H4'"  . DG  A 1 3  ? -9.317  -7.473  -4.594  1.00 0.00 ? 3  DG  A "H4'"  1 
ATOM   89  H "H3'"  . DG  A 1 3  ? -7.879  -5.363  -5.962  1.00 0.00 ? 3  DG  A "H3'"  1 
ATOM   90  H "H2'"  . DG  A 1 3  ? -5.814  -6.130  -5.191  1.00 0.00 ? 3  DG  A "H2'"  1 
ATOM   91  H "H2''" . DG  A 1 3  ? -6.321  -5.342  -3.666  1.00 0.00 ? 3  DG  A "H2''" 1 
ATOM   92  H "H1'"  . DG  A 1 3  ? -7.291  -7.382  -2.827  1.00 0.00 ? 3  DG  A "H1'"  1 
ATOM   93  H H8     . DG  A 1 3  ? -4.328  -8.033  -5.285  1.00 0.00 ? 3  DG  A H8     1 
ATOM   94  H H1     . DG  A 1 3  ? -3.710  -10.475 0.651   1.00 0.00 ? 3  DG  A H1     1 
ATOM   95  H H21    . DG  A 1 3  ? -6.762  -8.973  1.092   1.00 0.00 ? 3  DG  A H21    1 
ATOM   96  H H22    . DG  A 1 3  ? -5.517  -9.984  1.822   1.00 0.00 ? 3  DG  A H22    1 
ATOM   97  P P      . DC  A 1 4  ? -8.760  -3.709  -3.750  1.00 0.00 ? 4  DC  A P      1 
ATOM   98  O OP1    . DC  A 1 4  ? -10.115 -3.135  -3.912  1.00 0.00 ? 4  DC  A OP1    1 
ATOM   99  O OP2    . DC  A 1 4  ? -7.607  -3.111  -4.451  1.00 0.00 ? 4  DC  A OP2    1 
ATOM   100 O "O5'"  . DC  A 1 4  ? -8.430  -3.795  -2.178  1.00 0.00 ? 4  DC  A "O5'"  1 
ATOM   101 C "C5'"  . DC  A 1 4  ? -9.431  -4.247  -1.276  1.00 0.00 ? 4  DC  A "C5'"  1 
ATOM   102 C "C4'"  . DC  A 1 4  ? -8.940  -4.469  0.159   1.00 0.00 ? 4  DC  A "C4'"  1 
ATOM   103 O "O4'"  . DC  A 1 4  ? -7.881  -5.419  0.165   1.00 0.00 ? 4  DC  A "O4'"  1 
ATOM   104 C "C3'"  . DC  A 1 4  ? -8.458  -3.205  0.882   1.00 0.00 ? 4  DC  A "C3'"  1 
ATOM   105 O "O3'"  . DC  A 1 4  ? -8.901  -3.294  2.232   1.00 0.00 ? 4  DC  A "O3'"  1 
ATOM   106 C "C2'"  . DC  A 1 4  ? -6.948  -3.324  0.739   1.00 0.00 ? 4  DC  A "C2'"  1 
ATOM   107 C "C1'"  . DC  A 1 4  ? -6.766  -4.845  0.826   1.00 0.00 ? 4  DC  A "C1'"  1 
ATOM   108 N N1     . DC  A 1 4  ? -5.509  -5.367  0.221   1.00 0.00 ? 4  DC  A N1     1 
ATOM   109 C C2     . DC  A 1 4  ? -4.718  -6.250  0.968   1.00 0.00 ? 4  DC  A C2     1 
ATOM   110 O O2     . DC  A 1 4  ? -5.062  -6.658  2.078   1.00 0.00 ? 4  DC  A O2     1 
ATOM   111 N N3     . DC  A 1 4  ? -3.536  -6.694  0.482   1.00 0.00 ? 4  DC  A N3     1 
ATOM   112 C C4     . DC  A 1 4  ? -3.145  -6.281  -0.702  1.00 0.00 ? 4  DC  A C4     1 
ATOM   113 N N4     . DC  A 1 4  ? -1.991  -6.717  -1.110  1.00 0.00 ? 4  DC  A N4     1 
ATOM   114 C C5     . DC  A 1 4  ? -3.924  -5.430  -1.535  1.00 0.00 ? 4  DC  A C5     1 
ATOM   115 C C6     . DC  A 1 4  ? -5.113  -4.997  -1.041  1.00 0.00 ? 4  DC  A C6     1 
ATOM   116 H "H5'"  . DC  A 1 4  ? -9.826  -5.194  -1.643  1.00 0.00 ? 4  DC  A "H5'"  1 
ATOM   117 H "H5''" . DC  A 1 4  ? -10.246 -3.520  -1.261  1.00 0.00 ? 4  DC  A "H5''" 1 
ATOM   118 H "H4'"  . DC  A 1 4  ? -9.770  -4.877  0.735   1.00 0.00 ? 4  DC  A "H4'"  1 
ATOM   119 H "H3'"  . DC  A 1 4  ? -8.836  -2.299  0.407   1.00 0.00 ? 4  DC  A "H3'"  1 
ATOM   120 H "H2'"  . DC  A 1 4  ? -6.650  -2.929  -0.231  1.00 0.00 ? 4  DC  A "H2'"  1 
ATOM   121 H "H2''" . DC  A 1 4  ? -6.416  -2.800  1.531   1.00 0.00 ? 4  DC  A "H2''" 1 
ATOM   122 H "H1'"  . DC  A 1 4  ? -6.805  -5.112  1.888   1.00 0.00 ? 4  DC  A "H1'"  1 
ATOM   123 H H41    . DC  A 1 4  ? -1.625  -6.436  -1.993  1.00 0.00 ? 4  DC  A H41    1 
ATOM   124 H H42    . DC  A 1 4  ? -1.446  -7.287  -0.464  1.00 0.00 ? 4  DC  A H42    1 
ATOM   125 H H5     . DC  A 1 4  ? -3.611  -5.138  -2.523  1.00 0.00 ? 4  DC  A H5     1 
ATOM   126 H H6     . DC  A 1 4  ? -5.769  -4.365  -1.633  1.00 0.00 ? 4  DC  A H6     1 
HETATM 127 P P      . 02I A 1 5  ? -8.822  -2.070  3.276   1.00 0.00 ? 5  02I A P      1 
HETATM 128 N N1     . 02I A 1 5  ? -1.185  -4.971  4.081   1.00 0.00 ? 5  02I A N1     1 
HETATM 129 C C2     . 02I A 1 5  ? -1.452  -5.242  5.348   1.00 0.00 ? 5  02I A C2     1 
HETATM 130 N N3     . 02I A 1 5  ? -2.603  -5.098  5.982   1.00 0.00 ? 5  02I A N3     1 
HETATM 131 C C4     . 02I A 1 5  ? -3.550  -4.587  5.165   1.00 0.00 ? 5  02I A C4     1 
HETATM 132 C C5     . 02I A 1 5  ? -3.443  -4.237  3.848   1.00 0.00 ? 5  02I A C5     1 
HETATM 133 C C6     . 02I A 1 5  ? -2.158  -4.483  3.315   1.00 0.00 ? 5  02I A C6     1 
HETATM 134 N N6     . 02I A 1 5  ? -1.798  -4.273  2.065   1.00 0.00 ? 5  02I A N6     1 
HETATM 135 N N7     . 02I A 1 5  ? -4.672  -3.737  3.365   1.00 0.00 ? 5  02I A N7     1 
HETATM 136 C C8     . 02I A 1 5  ? -5.438  -3.786  4.427   1.00 0.00 ? 5  02I A C8     1 
HETATM 137 N N9     . 02I A 1 5  ? -4.836  -4.322  5.517   1.00 0.00 ? 5  02I A N9     1 
HETATM 138 C "C1'"  . 02I A 1 5  ? -5.463  -4.454  6.829   1.00 0.00 ? 5  02I A "C1'"  1 
HETATM 139 C "C2'"  . 02I A 1 5  ? -5.449  -3.098  7.503   1.00 0.00 ? 5  02I A "C2'"  1 
HETATM 140 O OP2    . 02I A 1 5  ? -9.808  -2.366  4.336   1.00 0.00 ? 5  02I A OP2    1 
HETATM 141 C "C3'"  . 02I A 1 5  ? -6.676  -2.363  6.944   1.00 0.00 ? 5  02I A "C3'"  1 
HETATM 142 O "O3'"  . 02I A 1 5  ? -7.460  -2.000  8.065   1.00 0.00 ? 5  02I A "O3'"  1 
HETATM 143 C "C4'"  . 02I A 1 5  ? -7.340  -3.448  6.063   1.00 0.00 ? 5  02I A "C4'"  1 
HETATM 144 O "O4'"  . 02I A 1 5  ? -6.846  -4.678  6.604   1.00 0.00 ? 5  02I A "O4'"  1 
HETATM 145 C "C5'"  . 02I A 1 5  ? -6.928  -3.442  4.556   1.00 0.00 ? 5  02I A "C5'"  1 
HETATM 146 O "O5'"  . 02I A 1 5  ? -7.326  -2.242  3.884   1.00 0.00 ? 5  02I A "O5'"  1 
HETATM 147 H H2     . 02I A 1 5  ? -0.634  -5.644  5.928   1.00 0.00 ? 5  02I A H2     1 
HETATM 148 H H1N6   . 02I A 1 5  ? -2.438  -3.811  1.449   1.00 0.00 ? 5  02I A H1N6   1 
HETATM 149 H H2N6   . 02I A 1 5  ? -0.850  -4.523  1.800   1.00 0.00 ? 5  02I A H2N6   1 
HETATM 150 H "H1'"  . 02I A 1 5  ? -4.987  -5.232  7.431   1.00 0.00 ? 5  02I A "H1'"  1 
HETATM 151 H "H12'" . 02I A 1 5  ? -5.547  -3.263  8.572   1.00 0.00 ? 5  02I A "H12'" 1 
HETATM 152 H "H22'" . 02I A 1 5  ? -4.529  -2.563  7.293   1.00 0.00 ? 5  02I A "H22'" 1 
HETATM 153 H "H3'"  . 02I A 1 5  ? -6.408  -1.494  6.337   1.00 0.00 ? 5  02I A "H3'"  1 
HETATM 154 H "H4'"  . 02I A 1 5  ? -8.423  -3.379  6.150   1.00 0.00 ? 5  02I A "H4'"  1 
HETATM 155 H "H5'"  . 02I A 1 5  ? -7.450  -4.274  4.084   1.00 0.00 ? 5  02I A "H5'"  1 
HETATM 156 O OP1    . 02I A 1 5  ? -8.915  -0.811  2.508   1.00 0.00 ? 5  02I A OP1    1 
ATOM   157 P P      . DT  A 1 6  ? -7.274  -0.566  8.744   1.00 0.00 ? 6  DT  A P      1 
ATOM   158 O OP1    . DT  A 1 6  ? -8.002  -0.566  10.034  1.00 0.00 ? 6  DT  A OP1    1 
ATOM   159 O OP2    . DT  A 1 6  ? -7.589  0.459   7.734   1.00 0.00 ? 6  DT  A OP2    1 
ATOM   160 O "O5'"  . DT  A 1 6  ? -5.696  -0.435  9.071   1.00 0.00 ? 6  DT  A "O5'"  1 
ATOM   161 C "C5'"  . DT  A 1 6  ? -5.136  -0.993  10.253  1.00 0.00 ? 6  DT  A "C5'"  1 
ATOM   162 C "C4'"  . DT  A 1 6  ? -3.601  -0.922  10.281  1.00 0.00 ? 6  DT  A "C4'"  1 
ATOM   163 O "O4'"  . DT  A 1 6  ? -3.044  -1.568  9.140   1.00 0.00 ? 6  DT  A "O4'"  1 
ATOM   164 C "C3'"  . DT  A 1 6  ? -3.039  0.504   10.354  1.00 0.00 ? 6  DT  A "C3'"  1 
ATOM   165 O "O3'"  . DT  A 1 6  ? -2.055  0.542   11.382  1.00 0.00 ? 6  DT  A "O3'"  1 
ATOM   166 C "C2'"  . DT  A 1 6  ? -2.458  0.696   8.956   1.00 0.00 ? 6  DT  A "C2'"  1 
ATOM   167 C "C1'"  . DT  A 1 6  ? -2.070  -0.728  8.544   1.00 0.00 ? 6  DT  A "C1'"  1 
ATOM   168 N N1     . DT  A 1 6  ? -2.028  -0.940  7.065   1.00 0.00 ? 6  DT  A N1     1 
ATOM   169 C C2     . DT  A 1 6  ? -0.862  -1.484  6.497   1.00 0.00 ? 6  DT  A C2     1 
ATOM   170 O O2     . DT  A 1 6  ? 0.103   -1.854  7.158   1.00 0.00 ? 6  DT  A O2     1 
ATOM   171 N N3     . DT  A 1 6  ? -0.817  -1.573  5.124   1.00 0.00 ? 6  DT  A N3     1 
ATOM   172 C C4     . DT  A 1 6  ? -1.813  -1.169  4.264   1.00 0.00 ? 6  DT  A C4     1 
ATOM   173 O O4     . DT  A 1 6  ? -1.624  -1.270  3.057   1.00 0.00 ? 6  DT  A O4     1 
ATOM   174 C C5     . DT  A 1 6  ? -3.023  -0.666  4.912   1.00 0.00 ? 6  DT  A C5     1 
ATOM   175 C C7     . DT  A 1 6  ? -4.213  -0.223  4.077   1.00 0.00 ? 6  DT  A C7     1 
ATOM   176 C C6     . DT  A 1 6  ? -3.094  -0.573  6.267   1.00 0.00 ? 6  DT  A C6     1 
ATOM   177 H "H5'"  . DT  A 1 6  ? -5.439  -2.034  10.346  1.00 0.00 ? 6  DT  A "H5'"  1 
ATOM   178 H "H5''" . DT  A 1 6  ? -5.531  -0.456  11.115  1.00 0.00 ? 6  DT  A "H5''" 1 
ATOM   179 H "H4'"  . DT  A 1 6  ? -3.260  -1.454  11.169  1.00 0.00 ? 6  DT  A "H4'"  1 
ATOM   180 H "H3'"  . DT  A 1 6  ? -3.829  1.232   10.553  1.00 0.00 ? 6  DT  A "H3'"  1 
ATOM   181 H "H2'"  . DT  A 1 6  ? -3.234  1.107   8.315   1.00 0.00 ? 6  DT  A "H2'"  1 
ATOM   182 H "H2''" . DT  A 1 6  ? -1.596  1.358   8.955   1.00 0.00 ? 6  DT  A "H2''" 1 
ATOM   183 H "H1'"  . DT  A 1 6  ? -1.092  -0.954  8.983   1.00 0.00 ? 6  DT  A "H1'"  1 
ATOM   184 H H3     . DT  A 1 6  ? 0.037   -1.917  4.707   1.00 0.00 ? 6  DT  A H3     1 
ATOM   185 H H71    . DT  A 1 6  ? -3.909  0.608   3.441   1.00 0.00 ? 6  DT  A H71    1 
ATOM   186 H H72    . DT  A 1 6  ? -4.531  -1.041  3.431   1.00 0.00 ? 6  DT  A H72    1 
ATOM   187 H H73    . DT  A 1 6  ? -5.053  0.079   4.704   1.00 0.00 ? 6  DT  A H73    1 
ATOM   188 H H6     . DT  A 1 6  ? -4.003  -0.214  6.734   1.00 0.00 ? 6  DT  A H6     1 
ATOM   189 P P      . DG  A 1 7  ? -1.292  1.891   11.816  1.00 0.00 ? 7  DG  A P      1 
ATOM   190 O OP1    . DG  A 1 7  ? -0.833  1.707   13.209  1.00 0.00 ? 7  DG  A OP1    1 
ATOM   191 O OP2    . DG  A 1 7  ? -2.154  3.043   11.469  1.00 0.00 ? 7  DG  A OP2    1 
ATOM   192 O "O5'"  . DG  A 1 7  ? -0.007  1.883   10.846  1.00 0.00 ? 7  DG  A "O5'"  1 
ATOM   193 C "C5'"  . DG  A 1 7  ? 0.975   0.860   10.957  1.00 0.00 ? 7  DG  A "C5'"  1 
ATOM   194 C "C4'"  . DG  A 1 7  ? 2.071   0.950   9.885   1.00 0.00 ? 7  DG  A "C4'"  1 
ATOM   195 O "O4'"  . DG  A 1 7  ? 1.544   0.639   8.605   1.00 0.00 ? 7  DG  A "O4'"  1 
ATOM   196 C "C3'"  . DG  A 1 7  ? 2.780   2.311   9.786   1.00 0.00 ? 7  DG  A "C3'"  1 
ATOM   197 O "O3'"  . DG  A 1 7  ? 4.163   2.133   10.078  1.00 0.00 ? 7  DG  A "O3'"  1 
ATOM   198 C "C2'"  . DG  A 1 7  ? 2.532   2.704   8.328   1.00 0.00 ? 7  DG  A "C2'"  1 
ATOM   199 C "C1'"  . DG  A 1 7  ? 2.296   1.357   7.648   1.00 0.00 ? 7  DG  A "C1'"  1 
ATOM   200 N N9     . DG  A 1 7  ? 1.532   1.461   6.383   1.00 0.00 ? 7  DG  A N9     1 
ATOM   201 C C8     . DG  A 1 7  ? 0.207   1.773   6.228   1.00 0.00 ? 7  DG  A C8     1 
ATOM   202 N N7     . DG  A 1 7  ? -0.193  1.834   4.987   1.00 0.00 ? 7  DG  A N7     1 
ATOM   203 C C5     . DG  A 1 7  ? 0.965   1.529   4.251   1.00 0.00 ? 7  DG  A C5     1 
ATOM   204 C C6     . DG  A 1 7  ? 1.222   1.446   2.833   1.00 0.00 ? 7  DG  A C6     1 
ATOM   205 O O6     . DG  A 1 7  ? 0.463   1.616   1.880   1.00 0.00 ? 7  DG  A O6     1 
ATOM   206 N N1     . DG  A 1 7  ? 2.530   1.138   2.528   1.00 0.00 ? 7  DG  A N1     1 
ATOM   207 C C2     . DG  A 1 7  ? 3.484   0.893   3.451   1.00 0.00 ? 7  DG  A C2     1 
ATOM   208 N N2     . DG  A 1 7  ? 4.671   0.583   3.005   1.00 0.00 ? 7  DG  A N2     1 
ATOM   209 N N3     . DG  A 1 7  ? 3.309   0.974   4.767   1.00 0.00 ? 7  DG  A N3     1 
ATOM   210 C C4     . DG  A 1 7  ? 2.023   1.292   5.108   1.00 0.00 ? 7  DG  A C4     1 
ATOM   211 H "H5'"  . DG  A 1 7  ? 0.492   -0.115  10.871  1.00 0.00 ? 7  DG  A "H5'"  1 
ATOM   212 H "H5''" . DG  A 1 7  ? 1.438   0.928   11.942  1.00 0.00 ? 7  DG  A "H5''" 1 
ATOM   213 H "H4'"  . DG  A 1 7  ? 2.828   0.200   10.123  1.00 0.00 ? 7  DG  A "H4'"  1 
ATOM   214 H "H3'"  . DG  A 1 7  ? 2.331   3.037   10.467  1.00 0.00 ? 7  DG  A "H3'"  1 
ATOM   215 H "H2'"  . DG  A 1 7  ? 1.633   3.318   8.273   1.00 0.00 ? 7  DG  A "H2'"  1 
ATOM   216 H "H2''" . DG  A 1 7  ? 3.382   3.226   7.893   1.00 0.00 ? 7  DG  A "H2''" 1 
ATOM   217 H "H1'"  . DG  A 1 7  ? 3.256   0.866   7.463   1.00 0.00 ? 7  DG  A "H1'"  1 
ATOM   218 H H8     . DG  A 1 7  ? -0.441  1.951   7.072   1.00 0.00 ? 7  DG  A H8     1 
ATOM   219 H H1     . DG  A 1 7  ? 2.758   1.032   1.551   1.00 0.00 ? 7  DG  A H1     1 
ATOM   220 H H21    . DG  A 1 7  ? 5.365   0.351   3.688   1.00 0.00 ? 7  DG  A H21    1 
ATOM   221 H H22    . DG  A 1 7  ? 4.865   0.553   2.003   1.00 0.00 ? 7  DG  A H22    1 
ATOM   222 P P      . DT  A 1 8  ? 5.184   3.365   10.285  1.00 0.00 ? 8  DT  A P      1 
ATOM   223 O OP1    . DT  A 1 8  ? 6.258   2.914   11.197  1.00 0.00 ? 8  DT  A OP1    1 
ATOM   224 O OP2    . DT  A 1 8  ? 4.402   4.574   10.624  1.00 0.00 ? 8  DT  A OP2    1 
ATOM   225 O "O5'"  . DT  A 1 8  ? 5.811   3.565   8.810   1.00 0.00 ? 8  DT  A "O5'"  1 
ATOM   226 C "C5'"  . DT  A 1 8  ? 6.704   2.597   8.268   1.00 0.00 ? 8  DT  A "C5'"  1 
ATOM   227 C "C4'"  . DT  A 1 8  ? 7.224   2.927   6.859   1.00 0.00 ? 8  DT  A "C4'"  1 
ATOM   228 O "O4'"  . DT  A 1 8  ? 6.185   2.800   5.901   1.00 0.00 ? 8  DT  A "O4'"  1 
ATOM   229 C "C3'"  . DT  A 1 8  ? 7.860   4.318   6.696   1.00 0.00 ? 8  DT  A "C3'"  1 
ATOM   230 O "O3'"  . DT  A 1 8  ? 9.228   4.170   6.332   1.00 0.00 ? 8  DT  A "O3'"  1 
ATOM   231 C "C2'"  . DT  A 1 8  ? 7.025   4.950   5.580   1.00 0.00 ? 8  DT  A "C2'"  1 
ATOM   232 C "C1'"  . DT  A 1 8  ? 6.398   3.749   4.873   1.00 0.00 ? 8  DT  A "C1'"  1 
ATOM   233 N N1     . DT  A 1 8  ? 5.098   4.073   4.224   1.00 0.00 ? 8  DT  A N1     1 
ATOM   234 C C2     . DT  A 1 8  ? 5.013   4.030   2.826   1.00 0.00 ? 8  DT  A C2     1 
ATOM   235 O O2     . DT  A 1 8  ? 5.962   3.792   2.092   1.00 0.00 ? 8  DT  A O2     1 
ATOM   236 N N3     . DT  A 1 8  ? 3.786   4.315   2.274   1.00 0.00 ? 8  DT  A N3     1 
ATOM   237 C C4     . DT  A 1 8  ? 2.655   4.681   2.965   1.00 0.00 ? 8  DT  A C4     1 
ATOM   238 O O4     . DT  A 1 8  ? 1.635   4.935   2.335   1.00 0.00 ? 8  DT  A O4     1 
ATOM   239 C C5     . DT  A 1 8  ? 2.814   4.729   4.419   1.00 0.00 ? 8  DT  A C5     1 
ATOM   240 C C7     . DT  A 1 8  ? 1.646   5.128   5.302   1.00 0.00 ? 8  DT  A C7     1 
ATOM   241 C C6     . DT  A 1 8  ? 4.007   4.419   4.995   1.00 0.00 ? 8  DT  A C6     1 
ATOM   242 H "H5'"  . DT  A 1 8  ? 6.201   1.630   8.227   1.00 0.00 ? 8  DT  A "H5'"  1 
ATOM   243 H "H5''" . DT  A 1 8  ? 7.562   2.506   8.936   1.00 0.00 ? 8  DT  A "H5''" 1 
ATOM   244 H "H4'"  . DT  A 1 8  ? 7.993   2.194   6.611   1.00 0.00 ? 8  DT  A "H4'"  1 
ATOM   245 H "H3'"  . DT  A 1 8  ? 7.776   4.894   7.619   1.00 0.00 ? 8  DT  A "H3'"  1 
ATOM   246 H "H2'"  . DT  A 1 8  ? 6.262   5.588   6.026   1.00 0.00 ? 8  DT  A "H2'"  1 
ATOM   247 H "H2''" . DT  A 1 8  ? 7.635   5.524   4.886   1.00 0.00 ? 8  DT  A "H2''" 1 
ATOM   248 H "H1'"  . DT  A 1 8  ? 7.110   3.355   4.141   1.00 0.00 ? 8  DT  A "H1'"  1 
ATOM   249 H H3     . DT  A 1 8  ? 3.707   4.226   1.269   1.00 0.00 ? 8  DT  A H3     1 
ATOM   250 H H71    . DT  A 1 8  ? 0.809   4.456   5.114   1.00 0.00 ? 8  DT  A H71    1 
ATOM   251 H H72    . DT  A 1 8  ? 1.916   5.090   6.358   1.00 0.00 ? 8  DT  A H72    1 
ATOM   252 H H73    . DT  A 1 8  ? 1.329   6.138   5.038   1.00 0.00 ? 8  DT  A H73    1 
ATOM   253 H H6     . DT  A 1 8  ? 4.121   4.419   6.071   1.00 0.00 ? 8  DT  A H6     1 
ATOM   254 P P      . DT  A 1 9  ? 10.248  5.417   6.244   1.00 0.00 ? 9  DT  A P      1 
ATOM   255 O OP1    . DT  A 1 9  ? 11.617  4.910   6.487   1.00 0.00 ? 9  DT  A OP1    1 
ATOM   256 O OP2    . DT  A 1 9  ? 9.717   6.524   7.070   1.00 0.00 ? 9  DT  A OP2    1 
ATOM   257 O "O5'"  . DT  A 1 9  ? 10.128  5.847   4.698   1.00 0.00 ? 9  DT  A "O5'"  1 
ATOM   258 C "C5'"  . DT  A 1 9  ? 10.583  4.980   3.666   1.00 0.00 ? 9  DT  A "C5'"  1 
ATOM   259 C "C4'"  . DT  A 1 9  ? 10.187  5.460   2.263   1.00 0.00 ? 9  DT  A "C4'"  1 
ATOM   260 O "O4'"  . DT  A 1 9  ? 8.775   5.449   2.125   1.00 0.00 ? 9  DT  A "O4'"  1 
ATOM   261 C "C3'"  . DT  A 1 9  ? 10.687  6.863   1.879   1.00 0.00 ? 9  DT  A "C3'"  1 
ATOM   262 O "O3'"  . DT  A 1 9  ? 11.681  6.762   0.863   1.00 0.00 ? 9  DT  A "O3'"  1 
ATOM   263 C "C2'"  . DT  A 1 9  ? 9.410   7.548   1.381   1.00 0.00 ? 9  DT  A "C2'"  1 
ATOM   264 C "C1'"  . DT  A 1 9  ? 8.429   6.400   1.141   1.00 0.00 ? 9  DT  A "C1'"  1 
ATOM   265 N N1     . DT  A 1 9  ? 7.006   6.810   1.296   1.00 0.00 ? 9  DT  A N1     1 
ATOM   266 C C2     . DT  A 1 9  ? 6.171   6.787   0.170   1.00 0.00 ? 9  DT  A C2     1 
ATOM   267 O O2     . DT  A 1 9  ? 6.557   6.509   -0.958  1.00 0.00 ? 9  DT  A O2     1 
ATOM   268 N N3     . DT  A 1 9  ? 4.856   7.145   0.367   1.00 0.00 ? 9  DT  A N3     1 
ATOM   269 C C4     . DT  A 1 9  ? 4.306   7.568   1.554   1.00 0.00 ? 9  DT  A C4     1 
ATOM   270 O O4     . DT  A 1 9  ? 3.127   7.908   1.582   1.00 0.00 ? 9  DT  A O4     1 
ATOM   271 C C5     . DT  A 1 9  ? 5.232   7.584   2.689   1.00 0.00 ? 9  DT  A C5     1 
ATOM   272 C C7     . DT  A 1 9  ? 4.750   8.029   4.058   1.00 0.00 ? 9  DT  A C7     1 
ATOM   273 C C6     . DT  A 1 9  ? 6.529   7.208   2.529   1.00 0.00 ? 9  DT  A C6     1 
ATOM   274 H "H5'"  . DT  A 1 9  ? 10.151  3.990   3.818   1.00 0.00 ? 9  DT  A "H5'"  1 
ATOM   275 H "H5''" . DT  A 1 9  ? 11.668  4.896   3.724   1.00 0.00 ? 9  DT  A "H5''" 1 
ATOM   276 H "H4'"  . DT  A 1 9  ? 10.598  4.756   1.538   1.00 0.00 ? 9  DT  A "H4'"  1 
ATOM   277 H "H3'"  . DT  A 1 9  ? 11.084  7.381   2.755   1.00 0.00 ? 9  DT  A "H3'"  1 
ATOM   278 H "H2'"  . DT  A 1 9  ? 9.047   8.219   2.155   1.00 0.00 ? 9  DT  A "H2'"  1 
ATOM   279 H "H2''" . DT  A 1 9  ? 9.572   8.095   0.458   1.00 0.00 ? 9  DT  A "H2''" 1 
ATOM   280 H "H1'"  . DT  A 1 9  ? 8.602   5.980   0.144   1.00 0.00 ? 9  DT  A "H1'"  1 
ATOM   281 H H3     . DT  A 1 9  ? 4.244   7.093   -0.438  1.00 0.00 ? 9  DT  A H3     1 
ATOM   282 H H71    . DT  A 1 9  ? 4.380   9.053   3.989   1.00 0.00 ? 9  DT  A H71    1 
ATOM   283 H H72    . DT  A 1 9  ? 3.923   7.391   4.367   1.00 0.00 ? 9  DT  A H72    1 
ATOM   284 H H73    . DT  A 1 9  ? 5.550   7.972   4.796   1.00 0.00 ? 9  DT  A H73    1 
ATOM   285 H H6     . DT  A 1 9  ? 7.214   7.200   3.367   1.00 0.00 ? 9  DT  A H6     1 
ATOM   286 P P      . DT  A 1 10 ? 12.512  8.036   0.312   1.00 0.00 ? 10 DT  A P      1 
ATOM   287 O OP1    . DT  A 1 10 ? 13.790  7.542   -0.250  1.00 0.00 ? 10 DT  A OP1    1 
ATOM   288 O OP2    . DT  A 1 10 ? 12.532  9.081   1.359   1.00 0.00 ? 10 DT  A OP2    1 
ATOM   289 O "O5'"  . DT  A 1 10 ? 11.595  8.564   -0.904  1.00 0.00 ? 10 DT  A "O5'"  1 
ATOM   290 C "C5'"  . DT  A 1 10 ? 11.364  7.752   -2.050  1.00 0.00 ? 10 DT  A "C5'"  1 
ATOM   291 C "C4'"  . DT  A 1 10 ? 10.278  8.325   -2.973  1.00 0.00 ? 10 DT  A "C4'"  1 
ATOM   292 O "O4'"  . DT  A 1 10 ? 9.030   8.313   -2.291  1.00 0.00 ? 10 DT  A "O4'"  1 
ATOM   293 C "C3'"  . DT  A 1 10 ? 10.530  9.756   -3.481  1.00 0.00 ? 10 DT  A "C3'"  1 
ATOM   294 O "O3'"  . DT  A 1 10 ? 10.582  9.790   -4.906  1.00 0.00 ? 10 DT  A "O3'"  1 
ATOM   295 C "C2'"  . DT  A 1 10 ? 9.314   10.511  -2.942  1.00 0.00 ? 10 DT  A "C2'"  1 
ATOM   296 C "C1'"  . DT  A 1 10 ? 8.273   9.403   -2.771  1.00 0.00 ? 10 DT  A "C1'"  1 
ATOM   297 N N1     . DT  A 1 10 ? 7.189   9.758   -1.813  1.00 0.00 ? 10 DT  A N1     1 
ATOM   298 C C2     . DT  A 1 10 ? 5.874   9.826   -2.291  1.00 0.00 ? 10 DT  A C2     1 
ATOM   299 O O2     . DT  A 1 10 ? 5.555   9.596   -3.452  1.00 0.00 ? 10 DT  A O2     1 
ATOM   300 N N3     . DT  A 1 10 ? 4.906   10.209  -1.393  1.00 0.00 ? 10 DT  A N3     1 
ATOM   301 C C4     . DT  A 1 10 ? 5.126   10.600  -0.091  1.00 0.00 ? 10 DT  A C4     1 
ATOM   302 O O4     . DT  A 1 10 ? 4.178   10.988  0.589   1.00 0.00 ? 10 DT  A O4     1 
ATOM   303 C C5     . DT  A 1 10 ? 6.516   10.492  0.353   1.00 0.00 ? 10 DT  A C5     1 
ATOM   304 C C7     . DT  A 1 10 ? 6.889   10.850  1.782   1.00 0.00 ? 10 DT  A C7     1 
ATOM   305 C C6     . DT  A 1 10 ? 7.486   10.075  -0.505  1.00 0.00 ? 10 DT  A C6     1 
ATOM   306 H "H5'"  . DT  A 1 10 ? 11.043  6.761   -1.726  1.00 0.00 ? 10 DT  A "H5'"  1 
ATOM   307 H "H5''" . DT  A 1 10 ? 12.295  7.645   -2.609  1.00 0.00 ? 10 DT  A "H5''" 1 
ATOM   308 H "H4'"  . DT  A 1 10 ? 10.194  7.675   -3.845  1.00 0.00 ? 10 DT  A "H4'"  1 
ATOM   309 H "H3'"  . DT  A 1 10 ? 11.452  10.158  -3.059  1.00 0.00 ? 10 DT  A "H3'"  1 
ATOM   310 H "H2'"  . DT  A 1 10 ? 9.576   10.960  -1.985  1.00 0.00 ? 10 DT  A "H2'"  1 
ATOM   311 H "H2''" . DT  A 1 10 ? 8.963   11.271  -3.635  1.00 0.00 ? 10 DT  A "H2''" 1 
ATOM   312 H "H1'"  . DT  A 1 10 ? 7.851   9.148   -3.749  1.00 0.00 ? 10 DT  A "H1'"  1 
ATOM   313 H H3     . DT  A 1 10 ? 3.964   10.262  -1.753  1.00 0.00 ? 10 DT  A H3     1 
ATOM   314 H H71    . DT  A 1 10 ? 6.648   11.899  1.953   1.00 0.00 ? 10 DT  A H71    1 
ATOM   315 H H72    . DT  A 1 10 ? 6.298   10.245  2.469   1.00 0.00 ? 10 DT  A H72    1 
ATOM   316 H H73    . DT  A 1 10 ? 7.951   10.680  1.965   1.00 0.00 ? 10 DT  A H73    1 
ATOM   317 H H6     . DT  A 1 10 ? 8.514   9.982   -0.177  1.00 0.00 ? 10 DT  A H6     1 
ATOM   318 P P      . DG  A 1 11 ? 10.979  11.125  -5.731  1.00 0.00 ? 11 DG  A P      1 
ATOM   319 O OP1    . DG  A 1 11 ? 11.610  10.711  -7.003  1.00 0.00 ? 11 DG  A OP1    1 
ATOM   320 O OP2    . DG  A 1 11 ? 11.699  12.048  -4.825  1.00 0.00 ? 11 DG  A OP2    1 
ATOM   321 O "O5'"  . DG  A 1 11 ? 9.545   11.783  -6.069  1.00 0.00 ? 11 DG  A "O5'"  1 
ATOM   322 C "C5'"  . DG  A 1 11 ? 8.661   11.172  -7.002  1.00 0.00 ? 11 DG  A "C5'"  1 
ATOM   323 C "C4'"  . DG  A 1 11 ? 7.381   11.986  -7.258  1.00 0.00 ? 11 DG  A "C4'"  1 
ATOM   324 O "O4'"  . DG  A 1 11 ? 6.496   11.855  -6.150  1.00 0.00 ? 11 DG  A "O4'"  1 
ATOM   325 C "C3'"  . DG  A 1 11 ? 7.621   13.486  -7.520  1.00 0.00 ? 11 DG  A "C3'"  1 
ATOM   326 O "O3'"  . DG  A 1 11 ? 6.994   13.895  -8.739  1.00 0.00 ? 11 DG  A "O3'"  1 
ATOM   327 C "C2'"  . DG  A 1 11 ? 6.999   14.112  -6.273  1.00 0.00 ? 11 DG  A "C2'"  1 
ATOM   328 C "C1'"  . DG  A 1 11 ? 5.908   13.111  -5.880  1.00 0.00 ? 11 DG  A "C1'"  1 
ATOM   329 N N9     . DG  A 1 11 ? 5.525   13.205  -4.447  1.00 0.00 ? 11 DG  A N9     1 
ATOM   330 C C8     . DG  A 1 11 ? 6.345   13.101  -3.352  1.00 0.00 ? 11 DG  A C8     1 
ATOM   331 N N7     . DG  A 1 11 ? 5.765   13.367  -2.211  1.00 0.00 ? 11 DG  A N7     1 
ATOM   332 C C5     . DG  A 1 11 ? 4.434   13.624  -2.572  1.00 0.00 ? 11 DG  A C5     1 
ATOM   333 C C6     . DG  A 1 11 ? 3.283   14.009  -1.791  1.00 0.00 ? 11 DG  A C6     1 
ATOM   334 O O6     . DG  A 1 11 ? 3.182   14.243  -0.585  1.00 0.00 ? 11 DG  A O6     1 
ATOM   335 N N1     . DG  A 1 11 ? 2.139   14.180  -2.541  1.00 0.00 ? 11 DG  A N1     1 
ATOM   336 C C2     . DG  A 1 11 ? 2.084   13.998  -3.879  1.00 0.00 ? 11 DG  A C2     1 
ATOM   337 N N2     . DG  A 1 11 ? 0.916   14.136  -4.444  1.00 0.00 ? 11 DG  A N2     1 
ATOM   338 N N3     . DG  A 1 11 ? 3.125   13.711  -4.655  1.00 0.00 ? 11 DG  A N3     1 
ATOM   339 C C4     . DG  A 1 11 ? 4.279   13.514  -3.941  1.00 0.00 ? 11 DG  A C4     1 
ATOM   340 H "H5'"  . DG  A 1 11 ? 8.381   10.182  -6.637  1.00 0.00 ? 11 DG  A "H5'"  1 
ATOM   341 H "H5''" . DG  A 1 11 ? 9.186   11.046  -7.950  1.00 0.00 ? 11 DG  A "H5''" 1 
ATOM   342 H "H4'"  . DG  A 1 11 ? 6.887   11.566  -8.133  1.00 0.00 ? 11 DG  A "H4'"  1 
ATOM   343 H "H3'"  . DG  A 1 11 ? 8.690   13.702  -7.565  1.00 0.00 ? 11 DG  A "H3'"  1 
ATOM   344 H "H2'"  . DG  A 1 11 ? 7.763   14.166  -5.496  1.00 0.00 ? 11 DG  A "H2'"  1 
ATOM   345 H "H2''" . DG  A 1 11 ? 6.588   15.098  -6.469  1.00 0.00 ? 11 DG  A "H2''" 1 
ATOM   346 H "H1'"  . DG  A 1 11 ? 5.028   13.252  -6.513  1.00 0.00 ? 11 DG  A "H1'"  1 
ATOM   347 H H8     . DG  A 1 11 ? 7.392   12.841  -3.445  1.00 0.00 ? 11 DG  A H8     1 
ATOM   348 H H1     . DG  A 1 11 ? 1.279   14.328  -2.035  1.00 0.00 ? 11 DG  A H1     1 
ATOM   349 H H21    . DG  A 1 11 ? 0.849   13.803  -5.385  1.00 0.00 ? 11 DG  A H21    1 
ATOM   350 H H22    . DG  A 1 11 ? 0.086   14.294  -3.875  1.00 0.00 ? 11 DG  A H22    1 
ATOM   351 P P      . DT  A 1 12 ? 7.102   15.397  -9.328  1.00 0.00 ? 12 DT  A P      1 
ATOM   352 O OP1    . DT  A 1 12 ? 6.906   15.371  -10.795 1.00 0.00 ? 12 DT  A OP1    1 
ATOM   353 O OP2    . DT  A 1 12 ? 8.270   16.094  -8.754  1.00 0.00 ? 12 DT  A OP2    1 
ATOM   354 O "O5'"  . DT  A 1 12 ? 5.795   16.087  -8.708  1.00 0.00 ? 12 DT  A "O5'"  1 
ATOM   355 C "C5'"  . DT  A 1 12 ? 4.502   15.702  -9.137  1.00 0.00 ? 12 DT  A "C5'"  1 
ATOM   356 C "C4'"  . DT  A 1 12 ? 3.431   16.514  -8.406  1.00 0.00 ? 12 DT  A "C4'"  1 
ATOM   357 O "O4'"  . DT  A 1 12 ? 3.327   16.106  -7.061  1.00 0.00 ? 12 DT  A "O4'"  1 
ATOM   358 C "C3'"  . DT  A 1 12 ? 3.716   18.022  -8.368  1.00 0.00 ? 12 DT  A "C3'"  1 
ATOM   359 O "O3'"  . DT  A 1 12 ? 3.143   18.712  -9.467  1.00 0.00 ? 12 DT  A "O3'"  1 
ATOM   360 C "C2'"  . DT  A 1 12 ? 3.091   18.459  -7.046  1.00 0.00 ? 12 DT  A "C2'"  1 
ATOM   361 C "C1'"  . DT  A 1 12 ? 2.719   17.153  -6.333  1.00 0.00 ? 12 DT  A "C1'"  1 
ATOM   362 N N1     . DT  A 1 12 ? 3.192   17.153  -4.929  1.00 0.00 ? 12 DT  A N1     1 
ATOM   363 C C2     . DT  A 1 12 ? 2.286   17.566  -3.948  1.00 0.00 ? 12 DT  A C2     1 
ATOM   364 O O2     . DT  A 1 12 ? 1.151   17.967  -4.193  1.00 0.00 ? 12 DT  A O2     1 
ATOM   365 N N3     . DT  A 1 12 ? 2.753   17.600  -2.660  1.00 0.00 ? 12 DT  A N3     1 
ATOM   366 C C4     . DT  A 1 12 ? 4.053   17.394  -2.265  1.00 0.00 ? 12 DT  A C4     1 
ATOM   367 O O4     . DT  A 1 12 ? 4.335   17.591  -1.086  1.00 0.00 ? 12 DT  A O4     1 
ATOM   368 C C5     . DT  A 1 12 ? 4.966   17.005  -3.342  1.00 0.00 ? 12 DT  A C5     1 
ATOM   369 C C7     . DT  A 1 12 ? 6.432   16.743  -3.045  1.00 0.00 ? 12 DT  A C7     1 
ATOM   370 C C6     . DT  A 1 12 ? 4.511   16.887  -4.619  1.00 0.00 ? 12 DT  A C6     1 
ATOM   371 H "H5'"  . DT  A 1 12 ? 4.349   14.638  -8.936  1.00 0.00 ? 12 DT  A "H5'"  1 
ATOM   372 H "H5''" . DT  A 1 12 ? 4.417   15.870  -10.210 1.00 0.00 ? 12 DT  A "H5''" 1 
ATOM   373 H "H4'"  . DT  A 1 12 ? 2.470   16.347  -8.893  1.00 0.00 ? 12 DT  A "H4'"  1 
ATOM   374 H "H3'"  . DT  A 1 12 ? 4.794   18.197  -8.321  1.00 0.00 ? 12 DT  A "H3'"  1 
ATOM   375 H "HO3'" . DT  A 1 12 ? 3.621   18.418  -10.253 1.00 0.00 ? 12 DT  A "HO3'" 1 
ATOM   376 H "H2'"  . DT  A 1 12 ? 3.821   19.032  -6.472  1.00 0.00 ? 12 DT  A "H2'"  1 
ATOM   377 H "H2''" . DT  A 1 12 ? 2.197   19.060  -7.212  1.00 0.00 ? 12 DT  A "H2''" 1 
ATOM   378 H "H1'"  . DT  A 1 12 ? 1.632   17.019  -6.355  1.00 0.00 ? 12 DT  A "H1'"  1 
ATOM   379 H H3     . DT  A 1 12 ? 2.065   17.754  -1.939  1.00 0.00 ? 12 DT  A H3     1 
ATOM   380 H H71    . DT  A 1 12 ? 6.886   17.651  -2.651  1.00 0.00 ? 12 DT  A H71    1 
ATOM   381 H H72    . DT  A 1 12 ? 6.513   15.968  -2.282  1.00 0.00 ? 12 DT  A H72    1 
ATOM   382 H H73    . DT  A 1 12 ? 6.966   16.423  -3.940  1.00 0.00 ? 12 DT  A H73    1 
ATOM   383 H H6     . DT  A 1 12 ? 5.177   16.571  -5.414  1.00 0.00 ? 12 DT  A H6     1 
ATOM   384 O "O5'"  . DA  B 2 1  ? -3.993  17.214  5.742   1.00 0.00 ? 13 DA  B "O5'"  1 
ATOM   385 C "C5'"  . DA  B 2 1  ? -4.883  18.211  5.237   1.00 0.00 ? 13 DA  B "C5'"  1 
ATOM   386 C "C4'"  . DA  B 2 1  ? -5.121  18.160  3.715   1.00 0.00 ? 13 DA  B "C4'"  1 
ATOM   387 O "O4'"  . DA  B 2 1  ? -3.910  18.431  3.026   1.00 0.00 ? 13 DA  B "O4'"  1 
ATOM   388 C "C3'"  . DA  B 2 1  ? -5.682  16.834  3.199   1.00 0.00 ? 13 DA  B "C3'"  1 
ATOM   389 O "O3'"  . DA  B 2 1  ? -6.717  17.156  2.293   1.00 0.00 ? 13 DA  B "O3'"  1 
ATOM   390 C "C2'"  . DA  B 2 1  ? -4.487  16.186  2.512   1.00 0.00 ? 13 DA  B "C2'"  1 
ATOM   391 C "C1'"  . DA  B 2 1  ? -3.656  17.397  2.084   1.00 0.00 ? 13 DA  B "C1'"  1 
ATOM   392 N N9     . DA  B 2 1  ? -2.205  17.117  2.103   1.00 0.00 ? 13 DA  B N9     1 
ATOM   393 C C8     . DA  B 2 1  ? -1.437  16.724  3.171   1.00 0.00 ? 13 DA  B C8     1 
ATOM   394 N N7     . DA  B 2 1  ? -0.162  16.615  2.911   1.00 0.00 ? 13 DA  B N7     1 
ATOM   395 C C5     . DA  B 2 1  ? -0.092  16.965  1.550   1.00 0.00 ? 13 DA  B C5     1 
ATOM   396 C C6     . DA  B 2 1  ? 0.951   17.113  0.605   1.00 0.00 ? 13 DA  B C6     1 
ATOM   397 N N6     . DA  B 2 1  ? 2.226   16.890  0.854   1.00 0.00 ? 13 DA  B N6     1 
ATOM   398 N N1     . DA  B 2 1  ? 0.703   17.539  -0.632  1.00 0.00 ? 13 DA  B N1     1 
ATOM   399 C C2     . DA  B 2 1  ? -0.558  17.756  -0.979  1.00 0.00 ? 13 DA  B C2     1 
ATOM   400 N N3     . DA  B 2 1  ? -1.637  17.681  -0.208  1.00 0.00 ? 13 DA  B N3     1 
ATOM   401 C C4     . DA  B 2 1  ? -1.331  17.272  1.053   1.00 0.00 ? 13 DA  B C4     1 
ATOM   402 H "H5'"  . DA  B 2 1  ? -4.498  19.205  5.476   1.00 0.00 ? 13 DA  B "H5'"  1 
ATOM   403 H "H5''" . DA  B 2 1  ? -5.844  18.093  5.735   1.00 0.00 ? 13 DA  B "H5''" 1 
ATOM   404 H "H4'"  . DA  B 2 1  ? -5.840  18.940  3.459   1.00 0.00 ? 13 DA  B "H4'"  1 
ATOM   405 H "H3'"  . DA  B 2 1  ? -6.060  16.214  4.012   1.00 0.00 ? 13 DA  B "H3'"  1 
ATOM   406 H "H2'"  . DA  B 2 1  ? -3.947  15.560  3.221   1.00 0.00 ? 13 DA  B "H2'"  1 
ATOM   407 H "H2''" . DA  B 2 1  ? -4.783  15.593  1.647   1.00 0.00 ? 13 DA  B "H2''" 1 
ATOM   408 H "H1'"  . DA  B 2 1  ? -3.974  17.706  1.080   1.00 0.00 ? 13 DA  B "H1'"  1 
ATOM   409 H H8     . DA  B 2 1  ? -1.860  16.546  4.150   1.00 0.00 ? 13 DA  B H8     1 
ATOM   410 H H61    . DA  B 2 1  ? 2.455   16.376  1.683   1.00 0.00 ? 13 DA  B H61    1 
ATOM   411 H H62    . DA  B 2 1  ? 2.887   16.933  0.085   1.00 0.00 ? 13 DA  B H62    1 
ATOM   412 H H2     . DA  B 2 1  ? -0.722  18.061  -2.003  1.00 0.00 ? 13 DA  B H2     1 
ATOM   413 H "HO5'" . DA  B 2 1  ? -4.412  16.346  5.681   1.00 0.00 ? 13 DA  B "HO5'" 1 
ATOM   414 P P      . DC  B 2 2  ? -7.839  16.090  1.867   1.00 0.00 ? 14 DC  B P      1 
ATOM   415 O OP1    . DC  B 2 2  ? -8.996  16.864  1.370   1.00 0.00 ? 14 DC  B OP1    1 
ATOM   416 O OP2    . DC  B 2 2  ? -8.001  15.160  3.003   1.00 0.00 ? 14 DC  B OP2    1 
ATOM   417 O "O5'"  . DC  B 2 2  ? -7.103  15.343  0.641   1.00 0.00 ? 14 DC  B "O5'"  1 
ATOM   418 C "C5'"  . DC  B 2 2  ? -6.968  16.000  -0.613  1.00 0.00 ? 14 DC  B "C5'"  1 
ATOM   419 C "C4'"  . DC  B 2 2  ? -5.953  15.367  -1.577  1.00 0.00 ? 14 DC  B "C4'"  1 
ATOM   420 O "O4'"  . DC  B 2 2  ? -4.628  15.383  -1.060  1.00 0.00 ? 14 DC  B "O4'"  1 
ATOM   421 C "C3'"  . DC  B 2 2  ? -6.253  13.937  -2.048  1.00 0.00 ? 14 DC  B "C3'"  1 
ATOM   422 O "O3'"  . DC  B 2 2  ? -6.486  13.987  -3.449  1.00 0.00 ? 14 DC  B "O3'"  1 
ATOM   423 C "C2'"  . DC  B 2 2  ? -4.956  13.187  -1.733  1.00 0.00 ? 14 DC  B "C2'"  1 
ATOM   424 C "C1'"  . DC  B 2 2  ? -3.932  14.325  -1.695  1.00 0.00 ? 14 DC  B "C1'"  1 
ATOM   425 N N1     . DC  B 2 2  ? -2.668  14.033  -0.960  1.00 0.00 ? 14 DC  B N1     1 
ATOM   426 C C2     . DC  B 2 2  ? -1.437  14.278  -1.586  1.00 0.00 ? 14 DC  B C2     1 
ATOM   427 O O2     . DC  B 2 2  ? -1.354  14.610  -2.767  1.00 0.00 ? 14 DC  B O2     1 
ATOM   428 N N3     . DC  B 2 2  ? -0.277  14.168  -0.896  1.00 0.00 ? 14 DC  B N3     1 
ATOM   429 C C4     . DC  B 2 2  ? -0.322  13.760  0.350   1.00 0.00 ? 14 DC  B C4     1 
ATOM   430 N N4     . DC  B 2 2  ? 0.826   13.666  0.954   1.00 0.00 ? 14 DC  B N4     1 
ATOM   431 C C5     . DC  B 2 2  ? -1.531  13.458  1.040   1.00 0.00 ? 14 DC  B C5     1 
ATOM   432 C C6     . DC  B 2 2  ? -2.690  13.606  0.345   1.00 0.00 ? 14 DC  B C6     1 
ATOM   433 H "H5'"  . DC  B 2 2  ? -6.656  17.029  -0.435  1.00 0.00 ? 14 DC  B "H5'"  1 
ATOM   434 H "H5''" . DC  B 2 2  ? -7.944  16.020  -1.098  1.00 0.00 ? 14 DC  B "H5''" 1 
ATOM   435 H "H4'"  . DC  B 2 2  ? -5.948  15.989  -2.474  1.00 0.00 ? 14 DC  B "H4'"  1 
ATOM   436 H "H3'"  . DC  B 2 2  ? -7.105  13.509  -1.513  1.00 0.00 ? 14 DC  B "H3'"  1 
ATOM   437 H "H2'"  . DC  B 2 2  ? -5.053  12.692  -0.767  1.00 0.00 ? 14 DC  B "H2'"  1 
ATOM   438 H "H2''" . DC  B 2 2  ? -4.711  12.457  -2.502  1.00 0.00 ? 14 DC  B "H2''" 1 
ATOM   439 H "H1'"  . DC  B 2 2  ? -3.705  14.603  -2.732  1.00 0.00 ? 14 DC  B "H1'"  1 
ATOM   440 H H41    . DC  B 2 2  ? 0.887   13.264  1.863   1.00 0.00 ? 14 DC  B H41    1 
ATOM   441 H H42    . DC  B 2 2  ? 1.655   13.794  0.375   1.00 0.00 ? 14 DC  B H42    1 
ATOM   442 H H5     . DC  B 2 2  ? -1.547  13.114  2.059   1.00 0.00 ? 14 DC  B H5     1 
ATOM   443 H H6     . DC  B 2 2  ? -3.648  13.400  0.808   1.00 0.00 ? 14 DC  B H6     1 
ATOM   444 P P      . DA  B 2 3  ? -7.088  12.739  -4.274  1.00 0.00 ? 15 DA  B P      1 
ATOM   445 O OP1    . DA  B 2 3  ? -7.879  13.299  -5.392  1.00 0.00 ? 15 DA  B OP1    1 
ATOM   446 O OP2    . DA  B 2 3  ? -7.720  11.818  -3.308  1.00 0.00 ? 15 DA  B OP2    1 
ATOM   447 O "O5'"  . DA  B 2 3  ? -5.755  12.057  -4.870  1.00 0.00 ? 15 DA  B "O5'"  1 
ATOM   448 C "C5'"  . DA  B 2 3  ? -5.066  12.658  -5.958  1.00 0.00 ? 15 DA  B "C5'"  1 
ATOM   449 C "C4'"  . DA  B 2 3  ? -3.793  11.917  -6.392  1.00 0.00 ? 15 DA  B "C4'"  1 
ATOM   450 O "O4'"  . DA  B 2 3  ? -2.775  12.037  -5.408  1.00 0.00 ? 15 DA  B "O4'"  1 
ATOM   451 C "C3'"  . DA  B 2 3  ? -3.976  10.433  -6.734  1.00 0.00 ? 15 DA  B "C3'"  1 
ATOM   452 O "O3'"  . DA  B 2 3  ? -3.525  10.249  -8.072  1.00 0.00 ? 15 DA  B "O3'"  1 
ATOM   453 C "C2'"  . DA  B 2 3  ? -3.091  9.737   -5.697  1.00 0.00 ? 15 DA  B "C2'"  1 
ATOM   454 C "C1'"  . DA  B 2 3  ? -2.064  10.813  -5.345  1.00 0.00 ? 15 DA  B "C1'"  1 
ATOM   455 N N9     . DA  B 2 3  ? -1.493  10.697  -3.982  1.00 0.00 ? 15 DA  B N9     1 
ATOM   456 C C8     . DA  B 2 3  ? -2.160  10.729  -2.783  1.00 0.00 ? 15 DA  B C8     1 
ATOM   457 N N7     . DA  B 2 3  ? -1.391  10.806  -1.726  1.00 0.00 ? 15 DA  B N7     1 
ATOM   458 C C5     . DA  B 2 3  ? -0.103  10.768  -2.289  1.00 0.00 ? 15 DA  B C5     1 
ATOM   459 C C6     . DA  B 2 3  ? 1.215   10.818  -1.772  1.00 0.00 ? 15 DA  B C6     1 
ATOM   460 N N6     . DA  B 2 3  ? 1.517   10.924  -0.494  1.00 0.00 ? 15 DA  B N6     1 
ATOM   461 N N1     . DA  B 2 3  ? 2.273   10.772  -2.572  1.00 0.00 ? 15 DA  B N1     1 
ATOM   462 C C2     . DA  B 2 3  ? 2.065   10.660  -3.876  1.00 0.00 ? 15 DA  B C2     1 
ATOM   463 N N3     . DA  B 2 3  ? 0.898   10.640  -4.514  1.00 0.00 ? 15 DA  B N3     1 
ATOM   464 C C4     . DA  B 2 3  ? -0.157  10.679  -3.653  1.00 0.00 ? 15 DA  B C4     1 
ATOM   465 H "H5'"  . DA  B 2 3  ? -4.794  13.678  -5.685  1.00 0.00 ? 15 DA  B "H5'"  1 
ATOM   466 H "H5''" . DA  B 2 3  ? -5.745  12.698  -6.809  1.00 0.00 ? 15 DA  B "H5''" 1 
ATOM   467 H "H4'"  . DA  B 2 3  ? -3.433  12.407  -7.296  1.00 0.00 ? 15 DA  B "H4'"  1 
ATOM   468 H "H3'"  . DA  B 2 3  ? -5.020  10.127  -6.628  1.00 0.00 ? 15 DA  B "H3'"  1 
ATOM   469 H "H2'"  . DA  B 2 3  ? -3.696  9.479   -4.827  1.00 0.00 ? 15 DA  B "H2'"  1 
ATOM   470 H "H2''" . DA  B 2 3  ? -2.607  8.847   -6.101  1.00 0.00 ? 15 DA  B "H2''" 1 
ATOM   471 H "H1'"  . DA  B 2 3  ? -1.262  10.797  -6.089  1.00 0.00 ? 15 DA  B "H1'"  1 
ATOM   472 H H8     . DA  B 2 3  ? -3.239  10.730  -2.735  1.00 0.00 ? 15 DA  B H8     1 
ATOM   473 H H61    . DA  B 2 3  ? 0.775   10.855  0.172   1.00 0.00 ? 15 DA  B H61    1 
ATOM   474 H H62    . DA  B 2 3  ? 2.493   10.898  -0.214  1.00 0.00 ? 15 DA  B H62    1 
ATOM   475 H H2     . DA  B 2 3  ? 2.952   10.618  -4.491  1.00 0.00 ? 15 DA  B H2     1 
ATOM   476 P P      . DA  B 2 4  ? -3.796  8.897   -8.908  1.00 0.00 ? 16 DA  B P      1 
ATOM   477 O OP1    . DA  B 2 4  ? -3.744  9.248   -10.347 1.00 0.00 ? 16 DA  B OP1    1 
ATOM   478 O OP2    . DA  B 2 4  ? -4.998  8.240   -8.359  1.00 0.00 ? 16 DA  B OP2    1 
ATOM   479 O "O5'"  . DA  B 2 4  ? -2.495  8.023   -8.547  1.00 0.00 ? 16 DA  B "O5'"  1 
ATOM   480 C "C5'"  . DA  B 2 4  ? -1.235  8.358   -9.109  1.00 0.00 ? 16 DA  B "C5'"  1 
ATOM   481 C "C4'"  . DA  B 2 4  ? -0.059  7.585   -8.502  1.00 0.00 ? 16 DA  B "C4'"  1 
ATOM   482 O "O4'"  . DA  B 2 4  ? 0.122   7.926   -7.138  1.00 0.00 ? 16 DA  B "O4'"  1 
ATOM   483 C "C3'"  . DA  B 2 4  ? -0.141  6.055   -8.607  1.00 0.00 ? 16 DA  B "C3'"  1 
ATOM   484 O "O3'"  . DA  B 2 4  ? 0.857   5.619   -9.523  1.00 0.00 ? 16 DA  B "O3'"  1 
ATOM   485 C "C2'"  . DA  B 2 4  ? 0.134   5.595   -7.171  1.00 0.00 ? 16 DA  B "C2'"  1 
ATOM   486 C "C1'"  . DA  B 2 4  ? 0.751   6.829   -6.509  1.00 0.00 ? 16 DA  B "C1'"  1 
ATOM   487 N N9     . DA  B 2 4  ? 0.508   6.915   -5.054  1.00 0.00 ? 16 DA  B N9     1 
ATOM   488 C C8     . DA  B 2 4  ? -0.693  7.000   -4.394  1.00 0.00 ? 16 DA  B C8     1 
ATOM   489 N N7     . DA  B 2 4  ? -0.594  7.174   -3.102  1.00 0.00 ? 16 DA  B N7     1 
ATOM   490 C C5     . DA  B 2 4  ? 0.800   7.183   -2.902  1.00 0.00 ? 16 DA  B C5     1 
ATOM   491 C C6     . DA  B 2 4  ? 1.651   7.336   -1.782  1.00 0.00 ? 16 DA  B C6     1 
ATOM   492 N N6     . DA  B 2 4  ? 1.232   7.524   -0.547  1.00 0.00 ? 16 DA  B N6     1 
ATOM   493 N N1     . DA  B 2 4  ? 2.980   7.316   -1.906  1.00 0.00 ? 16 DA  B N1     1 
ATOM   494 C C2     . DA  B 2 4  ? 3.485   7.139   -3.121  1.00 0.00 ? 16 DA  B C2     1 
ATOM   495 N N3     . DA  B 2 4  ? 2.821   6.982   -4.262  1.00 0.00 ? 16 DA  B N3     1 
ATOM   496 C C4     . DA  B 2 4  ? 1.472   7.016   -4.081  1.00 0.00 ? 16 DA  B C4     1 
ATOM   497 H "H5'"  . DA  B 2 4  ? -1.054  9.423   -8.956  1.00 0.00 ? 16 DA  B "H5'"  1 
ATOM   498 H "H5''" . DA  B 2 4  ? -1.268  8.165   -10.183 1.00 0.00 ? 16 DA  B "H5''" 1 
ATOM   499 H "H4'"  . DA  B 2 4  ? 0.843   7.890   -9.035  1.00 0.00 ? 16 DA  B "H4'"  1 
ATOM   500 H "H3'"  . DA  B 2 4  ? -1.133  5.736   -8.932  1.00 0.00 ? 16 DA  B "H3'"  1 
ATOM   501 H "H2'"  . DA  B 2 4  ? -0.807  5.325   -6.692  1.00 0.00 ? 16 DA  B "H2'"  1 
ATOM   502 H "H2''" . DA  B 2 4  ? 0.827   4.756   -7.136  1.00 0.00 ? 16 DA  B "H2''" 1 
ATOM   503 H "H1'"  . DA  B 2 4  ? 1.828   6.842   -6.705  1.00 0.00 ? 16 DA  B "H1'"  1 
ATOM   504 H H8     . DA  B 2 4  ? -1.639  6.956   -4.918  1.00 0.00 ? 16 DA  B H8     1 
ATOM   505 H H61    . DA  B 2 4  ? 0.245   7.494   -0.369  1.00 0.00 ? 16 DA  B H61    1 
ATOM   506 H H62    . DA  B 2 4  ? 1.923   7.574   0.194   1.00 0.00 ? 16 DA  B H62    1 
ATOM   507 H H2     . DA  B 2 4  ? 4.564   7.123   -3.192  1.00 0.00 ? 16 DA  B H2     1 
ATOM   508 P P      . DA  B 2 5  ? 0.994   4.085   -10.013 1.00 0.00 ? 17 DA  B P      1 
ATOM   509 O OP1    . DA  B 2 5  ? 1.581   4.101   -11.372 1.00 0.00 ? 17 DA  B OP1    1 
ATOM   510 O OP2    . DA  B 2 5  ? -0.287  3.391   -9.769  1.00 0.00 ? 17 DA  B OP2    1 
ATOM   511 O "O5'"  . DA  B 2 5  ? 2.094   3.509   -8.993  1.00 0.00 ? 17 DA  B "O5'"  1 
ATOM   512 C "C5'"  . DA  B 2 5  ? 3.425   4.002   -9.028  1.00 0.00 ? 17 DA  B "C5'"  1 
ATOM   513 C "C4'"  . DA  B 2 5  ? 4.282   3.507   -7.858  1.00 0.00 ? 17 DA  B "C4'"  1 
ATOM   514 O "O4'"  . DA  B 2 5  ? 3.778   4.002   -6.626  1.00 0.00 ? 17 DA  B "O4'"  1 
ATOM   515 C "C3'"  . DA  B 2 5  ? 4.412   1.981   -7.756  1.00 0.00 ? 17 DA  B "C3'"  1 
ATOM   516 O "O3'"  . DA  B 2 5  ? 5.793   1.654   -7.882  1.00 0.00 ? 17 DA  B "O3'"  1 
ATOM   517 C "C2'"  . DA  B 2 5  ? 3.837   1.690   -6.366  1.00 0.00 ? 17 DA  B "C2'"  1 
ATOM   518 C "C1'"  . DA  B 2 5  ? 3.998   3.022   -5.632  1.00 0.00 ? 17 DA  B "C1'"  1 
ATOM   519 N N9     . DA  B 2 5  ? 3.017   3.220   -4.540  1.00 0.00 ? 17 DA  B N9     1 
ATOM   520 C C8     . DA  B 2 5  ? 1.646   3.224   -4.621  1.00 0.00 ? 17 DA  B C8     1 
ATOM   521 N N7     . DA  B 2 5  ? 1.031   3.459   -3.491  1.00 0.00 ? 17 DA  B N7     1 
ATOM   522 C C5     . DA  B 2 5  ? 2.099   3.643   -2.594  1.00 0.00 ? 17 DA  B C5     1 
ATOM   523 C C6     . DA  B 2 5  ? 2.206   3.939   -1.212  1.00 0.00 ? 17 DA  B C6     1 
ATOM   524 N N6     . DA  B 2 5  ? 1.175   4.104   -0.408  1.00 0.00 ? 17 DA  B N6     1 
ATOM   525 N N1     . DA  B 2 5  ? 3.393   4.063   -0.618  1.00 0.00 ? 17 DA  B N1     1 
ATOM   526 C C2     . DA  B 2 5  ? 4.479   3.875   -1.359  1.00 0.00 ? 17 DA  B C2     1 
ATOM   527 N N3     . DA  B 2 5  ? 4.541   3.576   -2.652  1.00 0.00 ? 17 DA  B N3     1 
ATOM   528 C C4     . DA  B 2 5  ? 3.306   3.489   -3.220  1.00 0.00 ? 17 DA  B C4     1 
ATOM   529 H "H5'"  . DA  B 2 5  ? 3.399   5.092   -8.987  1.00 0.00 ? 17 DA  B "H5'"  1 
ATOM   530 H "H5''" . DA  B 2 5  ? 3.892   3.702   -9.967  1.00 0.00 ? 17 DA  B "H5''" 1 
ATOM   531 H "H4'"  . DA  B 2 5  ? 5.285   3.909   -7.990  1.00 0.00 ? 17 DA  B "H4'"  1 
ATOM   532 H "H3'"  . DA  B 2 5  ? 3.824   1.482   -8.532  1.00 0.00 ? 17 DA  B "H3'"  1 
ATOM   533 H "H2'"  . DA  B 2 5  ? 2.784   1.430   -6.469  1.00 0.00 ? 17 DA  B "H2'"  1 
ATOM   534 H "H2''" . DA  B 2 5  ? 4.374   0.893   -5.858  1.00 0.00 ? 17 DA  B "H2''" 1 
ATOM   535 H "H1'"  . DA  B 2 5  ? 5.019   3.101   -5.240  1.00 0.00 ? 17 DA  B "H1'"  1 
ATOM   536 H H8     . DA  B 2 5  ? 1.129   3.050   -5.558  1.00 0.00 ? 17 DA  B H8     1 
ATOM   537 H H61    . DA  B 2 5  ? 0.251   4.000   -0.776  1.00 0.00 ? 17 DA  B H61    1 
ATOM   538 H H62    . DA  B 2 5  ? 1.349   4.295   0.573   1.00 0.00 ? 17 DA  B H62    1 
ATOM   539 H H2     . DA  B 2 5  ? 5.427   3.969   -0.846  1.00 0.00 ? 17 DA  B H2     1 
ATOM   540 P P      . DC  B 2 6  ? 6.338   0.142   -7.990  1.00 0.00 ? 18 DC  B P      1 
ATOM   541 O OP1    . DC  B 2 6  ? 7.662   0.180   -8.651  1.00 0.00 ? 18 DC  B OP1    1 
ATOM   542 O OP2    . DC  B 2 6  ? 5.267   -0.703  -8.561  1.00 0.00 ? 18 DC  B OP2    1 
ATOM   543 O "O5'"  . DC  B 2 6  ? 6.552   -0.236  -6.436  1.00 0.00 ? 18 DC  B "O5'"  1 
ATOM   544 C "C5'"  . DC  B 2 6  ? 7.527   0.455   -5.663  1.00 0.00 ? 18 DC  B "C5'"  1 
ATOM   545 C "C4'"  . DC  B 2 6  ? 7.465   0.174   -4.154  1.00 0.00 ? 18 DC  B "C4'"  1 
ATOM   546 O "O4'"  . DC  B 2 6  ? 6.252   0.646   -3.589  1.00 0.00 ? 18 DC  B "O4'"  1 
ATOM   547 C "C3'"  . DC  B 2 6  ? 7.630   -1.294  -3.736  1.00 0.00 ? 18 DC  B "C3'"  1 
ATOM   548 O "O3'"  . DC  B 2 6  ? 8.872   -1.438  -3.053  1.00 0.00 ? 18 DC  B "O3'"  1 
ATOM   549 C "C2'"  . DC  B 2 6  ? 6.433   -1.521  -2.807  1.00 0.00 ? 18 DC  B "C2'"  1 
ATOM   550 C "C1'"  . DC  B 2 6  ? 6.021   -0.101  -2.412  1.00 0.00 ? 18 DC  B "C1'"  1 
ATOM   551 N N1     . DC  B 2 6  ? 4.597   0.039   -1.998  1.00 0.00 ? 18 DC  B N1     1 
ATOM   552 C C2     . DC  B 2 6  ? 4.285   0.354   -0.667  1.00 0.00 ? 18 DC  B C2     1 
ATOM   553 O O2     . DC  B 2 6  ? 5.151   0.434   0.201   1.00 0.00 ? 18 DC  B O2     1 
ATOM   554 N N3     . DC  B 2 6  ? 3.003   0.574   -0.291  1.00 0.00 ? 18 DC  B N3     1 
ATOM   555 C C4     . DC  B 2 6  ? 2.055   0.436   -1.189  1.00 0.00 ? 18 DC  B C4     1 
ATOM   556 N N4     . DC  B 2 6  ? 0.838   0.671   -0.797  1.00 0.00 ? 18 DC  B N4     1 
ATOM   557 C C5     . DC  B 2 6  ? 2.294   0.082   -2.547  1.00 0.00 ? 18 DC  B C5     1 
ATOM   558 C C6     . DC  B 2 6  ? 3.589   -0.111  -2.916  1.00 0.00 ? 18 DC  B C6     1 
ATOM   559 H "H5'"  . DC  B 2 6  ? 7.393   1.529   -5.804  1.00 0.00 ? 18 DC  B "H5'"  1 
ATOM   560 H "H5''" . DC  B 2 6  ? 8.520   0.186   -6.028  1.00 0.00 ? 18 DC  B "H5''" 1 
ATOM   561 H "H4'"  . DC  B 2 6  ? 8.277   0.732   -3.688  1.00 0.00 ? 18 DC  B "H4'"  1 
ATOM   562 H "H3'"  . DC  B 2 6  ? 7.583   -1.951  -4.608  1.00 0.00 ? 18 DC  B "H3'"  1 
ATOM   563 H "H2'"  . DC  B 2 6  ? 5.640   -2.019  -3.363  1.00 0.00 ? 18 DC  B "H2'"  1 
ATOM   564 H "H2''" . DC  B 2 6  ? 6.706   -2.105  -1.930  1.00 0.00 ? 18 DC  B "H2''" 1 
ATOM   565 H "H1'"  . DC  B 2 6  ? 6.687   0.249   -1.612  1.00 0.00 ? 18 DC  B "H1'"  1 
ATOM   566 H H41    . DC  B 2 6  ? 0.112   0.712   -1.477  1.00 0.00 ? 18 DC  B H41    1 
ATOM   567 H H42    . DC  B 2 6  ? 0.702   0.947   0.176   1.00 0.00 ? 18 DC  B H42    1 
ATOM   568 H H5     . DC  B 2 6  ? 1.503   -0.008  -3.273  1.00 0.00 ? 18 DC  B H5     1 
ATOM   569 H H6     . DC  B 2 6  ? 3.852   -0.365  -3.937  1.00 0.00 ? 18 DC  B H6     1 
ATOM   570 P P      . DA  B 2 7  ? 9.515   -2.875  -2.708  1.00 0.00 ? 19 DA  B P      1 
ATOM   571 O OP1    . DA  B 2 7  ? 10.973  -2.686  -2.552  1.00 0.00 ? 19 DA  B OP1    1 
ATOM   572 O OP2    . DA  B 2 7  ? 9.015   -3.861  -3.688  1.00 0.00 ? 19 DA  B OP2    1 
ATOM   573 O "O5'"  . DA  B 2 7  ? 8.895   -3.223  -1.259  1.00 0.00 ? 19 DA  B "O5'"  1 
ATOM   574 C "C5'"  . DA  B 2 7  ? 9.412   -2.610  -0.082  1.00 0.00 ? 19 DA  B "C5'"  1 
ATOM   575 C "C4'"  . DA  B 2 7  ? 8.717   -3.056  1.215   1.00 0.00 ? 19 DA  B "C4'"  1 
ATOM   576 O "O4'"  . DA  B 2 7  ? 7.421   -2.485  1.310   1.00 0.00 ? 19 DA  B "O4'"  1 
ATOM   577 C "C3'"  . DA  B 2 7  ? 8.599   -4.576  1.414   1.00 0.00 ? 19 DA  B "C3'"  1 
ATOM   578 O "O3'"  . DA  B 2 7  ? 9.364   -4.968  2.554   1.00 0.00 ? 19 DA  B "O3'"  1 
ATOM   579 C "C2'"  . DA  B 2 7  ? 7.090   -4.770  1.611   1.00 0.00 ? 19 DA  B "C2'"  1 
ATOM   580 C "C1'"  . DA  B 2 7  ? 6.581   -3.382  2.007   1.00 0.00 ? 19 DA  B "C1'"  1 
ATOM   581 N N9     . DA  B 2 7  ? 5.183   -3.112  1.591   1.00 0.00 ? 19 DA  B N9     1 
ATOM   582 C C8     . DA  B 2 7  ? 4.697   -3.040  0.310   1.00 0.00 ? 19 DA  B C8     1 
ATOM   583 N N7     . DA  B 2 7  ? 3.431   -2.732  0.222   1.00 0.00 ? 19 DA  B N7     1 
ATOM   584 C C5     . DA  B 2 7  ? 3.057   -2.573  1.568   1.00 0.00 ? 19 DA  B C5     1 
ATOM   585 C C6     . DA  B 2 7  ? 1.861   -2.221  2.240   1.00 0.00 ? 19 DA  B C6     1 
ATOM   586 N N6     . DA  B 2 7  ? 0.730   -1.921  1.632   1.00 0.00 ? 19 DA  B N6     1 
ATOM   587 N N1     . DA  B 2 7  ? 1.801   -2.156  3.570   1.00 0.00 ? 19 DA  B N1     1 
ATOM   588 C C2     . DA  B 2 7  ? 2.910   -2.424  4.249   1.00 0.00 ? 19 DA  B C2     1 
ATOM   589 N N3     . DA  B 2 7  ? 4.105   -2.759  3.771   1.00 0.00 ? 19 DA  B N3     1 
ATOM   590 C C4     . DA  B 2 7  ? 4.115   -2.811  2.408   1.00 0.00 ? 19 DA  B C4     1 
ATOM   591 H "H5'"  . DA  B 2 7  ? 9.319   -1.526  -0.171  1.00 0.00 ? 19 DA  B "H5'"  1 
ATOM   592 H "H5''" . DA  B 2 7  ? 10.473  -2.854  -0.005  1.00 0.00 ? 19 DA  B "H5''" 1 
ATOM   593 H "H4'"  . DA  B 2 7  ? 9.304   -2.670  2.048   1.00 0.00 ? 19 DA  B "H4'"  1 
ATOM   594 H "H3'"  . DA  B 2 7  ? 8.943   -5.108  0.523   1.00 0.00 ? 19 DA  B "H3'"  1 
ATOM   595 H "H2'"  . DA  B 2 7  ? 6.648   -5.082  0.665   1.00 0.00 ? 19 DA  B "H2'"  1 
ATOM   596 H "H2''" . DA  B 2 7  ? 6.870   -5.500  2.386   1.00 0.00 ? 19 DA  B "H2''" 1 
ATOM   597 H "H1'"  . DA  B 2 7  ? 6.690   -3.245  3.086   1.00 0.00 ? 19 DA  B "H1'"  1 
ATOM   598 H H8     . DA  B 2 7  ? 5.327   -3.226  -0.548  1.00 0.00 ? 19 DA  B H8     1 
ATOM   599 H H61    . DA  B 2 7  ? 0.704   -1.947  0.631   1.00 0.00 ? 19 DA  B H61    1 
ATOM   600 H H62    . DA  B 2 7  ? -0.077  -1.670  2.195   1.00 0.00 ? 19 DA  B H62    1 
ATOM   601 H H2     . DA  B 2 7  ? 2.826   -2.369  5.325   1.00 0.00 ? 19 DA  B H2     1 
ATOM   602 P P      . DT  B 2 8  ? 9.697   -6.511  2.898   1.00 0.00 ? 20 DT  B P      1 
ATOM   603 O OP1    . DT  B 2 8  ? 10.897  -6.547  3.765   1.00 0.00 ? 20 DT  B OP1    1 
ATOM   604 O OP2    . DT  B 2 8  ? 9.678   -7.296  1.647   1.00 0.00 ? 20 DT  B OP2    1 
ATOM   605 O "O5'"  . DT  B 2 8  ? 8.429   -6.953  3.787   1.00 0.00 ? 20 DT  B "O5'"  1 
ATOM   606 C "C5'"  . DT  B 2 8  ? 8.267   -6.442  5.102   1.00 0.00 ? 20 DT  B "C5'"  1 
ATOM   607 C "C4'"  . DT  B 2 8  ? 6.902   -6.772  5.715   1.00 0.00 ? 20 DT  B "C4'"  1 
ATOM   608 O "O4'"  . DT  B 2 8  ? 5.864   -6.124  4.995   1.00 0.00 ? 20 DT  B "O4'"  1 
ATOM   609 C "C3'"  . DT  B 2 8  ? 6.565   -8.271  5.807   1.00 0.00 ? 20 DT  B "C3'"  1 
ATOM   610 O "O3'"  . DT  B 2 8  ? 6.462   -8.630  7.184   1.00 0.00 ? 20 DT  B "O3'"  1 
ATOM   611 C "C2'"  . DT  B 2 8  ? 5.232   -8.349  5.055   1.00 0.00 ? 20 DT  B "C2'"  1 
ATOM   612 C "C1'"  . DT  B 2 8  ? 4.703   -6.915  5.127   1.00 0.00 ? 20 DT  B "C1'"  1 
ATOM   613 N N1     . DT  B 2 8  ? 3.714   -6.550  4.072   1.00 0.00 ? 20 DT  B N1     1 
ATOM   614 C C2     . DT  B 2 8  ? 2.467   -6.049  4.480   1.00 0.00 ? 20 DT  B C2     1 
ATOM   615 O O2     . DT  B 2 8  ? 2.128   -5.944  5.654   1.00 0.00 ? 20 DT  B O2     1 
ATOM   616 N N3     . DT  B 2 8  ? 1.593   -5.672  3.489   1.00 0.00 ? 20 DT  B N3     1 
ATOM   617 C C4     . DT  B 2 8  ? 1.815   -5.766  2.138   1.00 0.00 ? 20 DT  B C4     1 
ATOM   618 O O4     . DT  B 2 8  ? 0.936   -5.382  1.371   1.00 0.00 ? 20 DT  B O4     1 
ATOM   619 C C5     . DT  B 2 8  ? 3.122   -6.318  1.771   1.00 0.00 ? 20 DT  B C5     1 
ATOM   620 C C7     . DT  B 2 8  ? 3.486   -6.498  0.308   1.00 0.00 ? 20 DT  B C7     1 
ATOM   621 C C6     . DT  B 2 8  ? 4.018   -6.675  2.730   1.00 0.00 ? 20 DT  B C6     1 
ATOM   622 H "H5'"  . DT  B 2 8  ? 8.374   -5.357  5.074   1.00 0.00 ? 20 DT  B "H5'"  1 
ATOM   623 H "H5''" . DT  B 2 8  ? 9.053   -6.850  5.739   1.00 0.00 ? 20 DT  B "H5''" 1 
ATOM   624 H "H4'"  . DT  B 2 8  ? 6.894   -6.375  6.731   1.00 0.00 ? 20 DT  B "H4'"  1 
ATOM   625 H "H3'"  . DT  B 2 8  ? 7.329   -8.873  5.308   1.00 0.00 ? 20 DT  B "H3'"  1 
ATOM   626 H "H2'"  . DT  B 2 8  ? 5.425   -8.642  4.025   1.00 0.00 ? 20 DT  B "H2'"  1 
ATOM   627 H "H2''" . DT  B 2 8  ? 4.536   -9.042  5.520   1.00 0.00 ? 20 DT  B "H2''" 1 
ATOM   628 H "H1'"  . DT  B 2 8  ? 4.268   -6.759  6.120   1.00 0.00 ? 20 DT  B "H1'"  1 
ATOM   629 H H3     . DT  B 2 8  ? 0.698   -5.304  3.779   1.00 0.00 ? 20 DT  B H3     1 
ATOM   630 H H71    . DT  B 2 8  ? 4.506   -6.867  0.196   1.00 0.00 ? 20 DT  B H71    1 
ATOM   631 H H72    . DT  B 2 8  ? 2.788   -7.205  -0.143  1.00 0.00 ? 20 DT  B H72    1 
ATOM   632 H H73    . DT  B 2 8  ? 3.382   -5.544  -0.210  1.00 0.00 ? 20 DT  B H73    1 
ATOM   633 H H6     . DT  B 2 8  ? 4.994   -7.053  2.454   1.00 0.00 ? 20 DT  B H6     1 
ATOM   634 P P      . DG  B 2 9  ? 6.261   -10.150 7.701   1.00 0.00 ? 21 DG  B P      1 
ATOM   635 O OP1    . DG  B 2 9  ? 6.731   -10.223 9.104   1.00 0.00 ? 21 DG  B OP1    1 
ATOM   636 O OP2    . DG  B 2 9  ? 6.821   -11.076 6.694   1.00 0.00 ? 21 DG  B OP2    1 
ATOM   637 O "O5'"  . DG  B 2 9  ? 4.658   -10.299 7.694   1.00 0.00 ? 21 DG  B "O5'"  1 
ATOM   638 C "C5'"  . DG  B 2 9  ? 3.849   -9.499  8.549   1.00 0.00 ? 21 DG  B "C5'"  1 
ATOM   639 C "C4'"  . DG  B 2 9  ? 2.353   -9.575  8.212   1.00 0.00 ? 21 DG  B "C4'"  1 
ATOM   640 O "O4'"  . DG  B 2 9  ? 2.105   -8.990  6.940   1.00 0.00 ? 21 DG  B "O4'"  1 
ATOM   641 C "C3'"  . DG  B 2 9  ? 1.752   -10.989 8.202   1.00 0.00 ? 21 DG  B "C3'"  1 
ATOM   642 O "O3'"  . DG  B 2 9  ? 0.770   -11.106 9.226   1.00 0.00 ? 21 DG  B "O3'"  1 
ATOM   643 C "C2'"  . DG  B 2 9  ? 1.146   -11.087 6.802   1.00 0.00 ? 21 DG  B "C2'"  1 
ATOM   644 C "C1'"  . DG  B 2 9  ? 0.976   -9.628  6.383   1.00 0.00 ? 21 DG  B "C1'"  1 
ATOM   645 N N9     . DG  B 2 9  ? 0.961   -9.442  4.914   1.00 0.00 ? 21 DG  B N9     1 
ATOM   646 C C8     . DG  B 2 9  ? 1.951   -9.745  4.015   1.00 0.00 ? 21 DG  B C8     1 
ATOM   647 N N7     . DG  B 2 9  ? 1.647   -9.499  2.769   1.00 0.00 ? 21 DG  B N7     1 
ATOM   648 C C5     . DG  B 2 9  ? 0.352   -8.957  2.849   1.00 0.00 ? 21 DG  B C5     1 
ATOM   649 C C6     . DG  B 2 9  ? -0.557  -8.474  1.839   1.00 0.00 ? 21 DG  B C6     1 
ATOM   650 O O6     . DG  B 2 9  ? -0.411  -8.406  0.619   1.00 0.00 ? 21 DG  B O6     1 
ATOM   651 N N1     . DG  B 2 9  ? -1.773  -8.066  2.343   1.00 0.00 ? 21 DG  B N1     1 
ATOM   652 C C2     . DG  B 2 9  ? -2.101  -8.118  3.653   1.00 0.00 ? 21 DG  B C2     1 
ATOM   653 N N2     . DG  B 2 9  ? -3.305  -7.751  3.985   1.00 0.00 ? 21 DG  B N2     1 
ATOM   654 N N3     . DG  B 2 9  ? -1.308  -8.568  4.620   1.00 0.00 ? 21 DG  B N3     1 
ATOM   655 C C4     . DG  B 2 9  ? -0.082  -8.954  4.160   1.00 0.00 ? 21 DG  B C4     1 
ATOM   656 H "H5'"  . DG  B 2 9  ? 4.156   -8.455  8.465   1.00 0.00 ? 21 DG  B "H5'"  1 
ATOM   657 H "H5''" . DG  B 2 9  ? 4.002   -9.819  9.580   1.00 0.00 ? 21 DG  B "H5''" 1 
ATOM   658 H "H4'"  . DG  B 2 9  ? 1.810   -8.996  8.960   1.00 0.00 ? 21 DG  B "H4'"  1 
ATOM   659 H "H3'"  . DG  B 2 9  ? 2.529   -11.743 8.340   1.00 0.00 ? 21 DG  B "H3'"  1 
ATOM   660 H "H2'"  . DG  B 2 9  ? 1.846   -11.601 6.145   1.00 0.00 ? 21 DG  B "H2'"  1 
ATOM   661 H "H2''" . DG  B 2 9  ? 0.189   -11.600 6.811   1.00 0.00 ? 21 DG  B "H2''" 1 
ATOM   662 H "H1'"  . DG  B 2 9  ? 0.056   -9.224  6.819   1.00 0.00 ? 21 DG  B "H1'"  1 
ATOM   663 H H8     . DG  B 2 9  ? 2.903   -10.151 4.331   1.00 0.00 ? 21 DG  B H8     1 
ATOM   664 H H1     . DG  B 2 9  ? -2.432  -7.661  1.696   1.00 0.00 ? 21 DG  B H1     1 
ATOM   665 H H21    . DG  B 2 9  ? -3.507  -7.723  4.965   1.00 0.00 ? 21 DG  B H21    1 
ATOM   666 H H22    . DG  B 2 9  ? -3.944  -7.378  3.285   1.00 0.00 ? 21 DG  B H22    1 
ATOM   667 P P      . DC  B 2 10 ? 0.036   -12.502 9.566   1.00 0.00 ? 22 DC  B P      1 
ATOM   668 O OP1    . DC  B 2 10 ? -0.301  -12.502 11.009  1.00 0.00 ? 22 DC  B OP1    1 
ATOM   669 O OP2    . DC  B 2 10 ? 0.845   -13.605 9.004   1.00 0.00 ? 22 DC  B OP2    1 
ATOM   670 O "O5'"  . DC  B 2 10 ? -1.329  -12.393 8.711   1.00 0.00 ? 22 DC  B "O5'"  1 
ATOM   671 C "C5'"  . DC  B 2 10 ? -2.340  -11.453 9.062   1.00 0.00 ? 22 DC  B "C5'"  1 
ATOM   672 C "C4'"  . DC  B 2 10 ? -3.530  -11.429 8.088   1.00 0.00 ? 22 DC  B "C4'"  1 
ATOM   673 O "O4'"  . DC  B 2 10 ? -3.117  -10.955 6.814   1.00 0.00 ? 22 DC  B "O4'"  1 
ATOM   674 C "C3'"  . DC  B 2 10 ? -4.245  -12.776 7.904   1.00 0.00 ? 22 DC  B "C3'"  1 
ATOM   675 O "O3'"  . DC  B 2 10 ? -5.561  -12.710 8.452   1.00 0.00 ? 22 DC  B "O3'"  1 
ATOM   676 C "C2'"  . DC  B 2 10 ? -4.246  -12.958 6.384   1.00 0.00 ? 22 DC  B "C2'"  1 
ATOM   677 C "C1'"  . DC  B 2 10 ? -3.893  -11.583 5.811   1.00 0.00 ? 22 DC  B "C1'"  1 
ATOM   678 N N1     . DC  B 2 10 ? -3.094  -11.669 4.554   1.00 0.00 ? 22 DC  B N1     1 
ATOM   679 C C2     . DC  B 2 10 ? -3.655  -11.279 3.331   1.00 0.00 ? 22 DC  B C2     1 
ATOM   680 O O2     . DC  B 2 10 ? -4.827  -10.921 3.236   1.00 0.00 ? 22 DC  B O2     1 
ATOM   681 N N3     . DC  B 2 10 ? -2.917  -11.309 2.191   1.00 0.00 ? 22 DC  B N3     1 
ATOM   682 C C4     . DC  B 2 10 ? -1.667  -11.699 2.268   1.00 0.00 ? 22 DC  B C4     1 
ATOM   683 N N4     . DC  B 2 10 ? -0.986  -11.654 1.159   1.00 0.00 ? 22 DC  B N4     1 
ATOM   684 C C5     . DC  B 2 10 ? -1.041  -12.132 3.469   1.00 0.00 ? 22 DC  B C5     1 
ATOM   685 C C6     . DC  B 2 10 ? -1.795  -12.105 4.599   1.00 0.00 ? 22 DC  B C6     1 
ATOM   686 H "H5'"  . DC  B 2 10 ? -1.902  -10.455 9.088   1.00 0.00 ? 22 DC  B "H5'"  1 
ATOM   687 H "H5''" . DC  B 2 10 ? -2.708  -11.692 10.061  1.00 0.00 ? 22 DC  B "H5''" 1 
ATOM   688 H "H4'"  . DC  B 2 10 ? -4.266  -10.728 8.479   1.00 0.00 ? 22 DC  B "H4'"  1 
ATOM   689 H "H3'"  . DC  B 2 10 ? -3.675  -13.575 8.384   1.00 0.00 ? 22 DC  B "H3'"  1 
ATOM   690 H "H2'"  . DC  B 2 10 ? -3.491  -13.696 6.118   1.00 0.00 ? 22 DC  B "H2'"  1 
ATOM   691 H "H2''" . DC  B 2 10 ? -5.222  -13.272 6.023   1.00 0.00 ? 22 DC  B "H2''" 1 
ATOM   692 H "H1'"  . DC  B 2 10 ? -4.814  -11.012 5.649   1.00 0.00 ? 22 DC  B "H1'"  1 
ATOM   693 H H41    . DC  B 2 10 ? 0.012   -11.645 1.217   1.00 0.00 ? 22 DC  B H41    1 
ATOM   694 H H42    . DC  B 2 10 ? -1.442  -11.225 0.352   1.00 0.00 ? 22 DC  B H42    1 
ATOM   695 H H5     . DC  B 2 10 ? -0.014  -12.444 3.509   1.00 0.00 ? 22 DC  B H5     1 
ATOM   696 H H6     . DC  B 2 10 ? -1.386  -12.398 5.560   1.00 0.00 ? 22 DC  B H6     1 
ATOM   697 P P      . DA  B 2 11 ? -6.499  -14.016 8.623   1.00 0.00 ? 23 DA  B P      1 
ATOM   698 O OP1    . DA  B 2 11 ? -7.486  -13.747 9.693   1.00 0.00 ? 23 DA  B OP1    1 
ATOM   699 O OP2    . DA  B 2 11 ? -5.638  -15.214 8.705   1.00 0.00 ? 23 DA  B OP2    1 
ATOM   700 O "O5'"  . DA  B 2 11 ? -7.292  -14.077 7.224   1.00 0.00 ? 23 DA  B "O5'"  1 
ATOM   701 C "C5'"  . DA  B 2 11 ? -8.295  -13.119 6.915   1.00 0.00 ? 23 DA  B "C5'"  1 
ATOM   702 C "C4'"  . DA  B 2 11 ? -8.811  -13.258 5.477   1.00 0.00 ? 23 DA  B "C4'"  1 
ATOM   703 O "O4'"  . DA  B 2 11 ? -7.776  -12.904 4.569   1.00 0.00 ? 23 DA  B "O4'"  1 
ATOM   704 C "C3'"  . DA  B 2 11 ? -9.327  -14.659 5.111   1.00 0.00 ? 23 DA  B "C3'"  1 
ATOM   705 O "O3'"  . DA  B 2 11 ? -10.724 -14.618 4.819   1.00 0.00 ? 23 DA  B "O3'"  1 
ATOM   706 C "C2'"  . DA  B 2 11 ? -8.484  -15.012 3.886   1.00 0.00 ? 23 DA  B "C2'"  1 
ATOM   707 C "C1'"  . DA  B 2 11 ? -7.911  -13.682 3.401   1.00 0.00 ? 23 DA  B "C1'"  1 
ATOM   708 N N9     . DA  B 2 11 ? -6.596  -13.828 2.734   1.00 0.00 ? 23 DA  B N9     1 
ATOM   709 C C8     . DA  B 2 11 ? -5.424  -14.307 3.267   1.00 0.00 ? 23 DA  B C8     1 
ATOM   710 N N7     . DA  B 2 11 ? -4.421  -14.354 2.428   1.00 0.00 ? 23 DA  B N7     1 
ATOM   711 C C5     . DA  B 2 11 ? -4.978  -13.810 1.253   1.00 0.00 ? 23 DA  B C5     1 
ATOM   712 C C6     . DA  B 2 11 ? -4.496  -13.523 -0.048  1.00 0.00 ? 23 DA  B C6     1 
ATOM   713 N N6     . DA  B 2 11 ? -3.238  -13.634 -0.424  1.00 0.00 ? 23 DA  B N6     1 
ATOM   714 N N1     . DA  B 2 11 ? -5.314  -13.108 -1.018  1.00 0.00 ? 23 DA  B N1     1 
ATOM   715 C C2     . DA  B 2 11 ? -6.586  -12.903 -0.704  1.00 0.00 ? 23 DA  B C2     1 
ATOM   716 N N3     . DA  B 2 11 ? -7.181  -13.091 0.469   1.00 0.00 ? 23 DA  B N3     1 
ATOM   717 C C4     . DA  B 2 11 ? -6.310  -13.532 1.420   1.00 0.00 ? 23 DA  B C4     1 
ATOM   718 H "H5'"  . DA  B 2 11 ? -7.887  -12.115 7.040   1.00 0.00 ? 23 DA  B "H5'"  1 
ATOM   719 H "H5''" . DA  B 2 11 ? -9.127  -13.240 7.609   1.00 0.00 ? 23 DA  B "H5''" 1 
ATOM   720 H "H4'"  . DA  B 2 11 ? -9.634  -12.558 5.343   1.00 0.00 ? 23 DA  B "H4'"  1 
ATOM   721 H "H3'"  . DA  B 2 11 ? -9.136  -15.362 5.924   1.00 0.00 ? 23 DA  B "H3'"  1 
ATOM   722 H "H2'"  . DA  B 2 11 ? -7.687  -15.692 4.189   1.00 0.00 ? 23 DA  B "H2'"  1 
ATOM   723 H "H2''" . DA  B 2 11 ? -9.084  -15.454 3.100   1.00 0.00 ? 23 DA  B "H2''" 1 
ATOM   724 H "H1'"  . DA  B 2 11 ? -8.620  -13.202 2.719   1.00 0.00 ? 23 DA  B "H1'"  1 
ATOM   725 H H8     . DA  B 2 11 ? -5.354  -14.626 4.299   1.00 0.00 ? 23 DA  B H8     1 
ATOM   726 H H61    . DA  B 2 11 ? -2.537  -13.700 0.290   1.00 0.00 ? 23 DA  B H61    1 
ATOM   727 H H62    . DA  B 2 11 ? -2.987  -13.294 -1.350  1.00 0.00 ? 23 DA  B H62    1 
ATOM   728 H H2     . DA  B 2 11 ? -7.218  -12.548 -1.507  1.00 0.00 ? 23 DA  B H2     1 
ATOM   729 P P      . DC  B 2 12 ? -11.608 -15.951 4.587   1.00 0.00 ? 24 DC  B P      1 
ATOM   730 O OP1    . DC  B 2 12 ? -13.041 -15.633 4.778   1.00 0.00 ? 24 DC  B OP1    1 
ATOM   731 O OP2    . DC  B 2 12 ? -11.001 -17.089 5.305   1.00 0.00 ? 24 DC  B OP2    1 
ATOM   732 O "O5'"  . DC  B 2 12 ? -11.411 -16.231 3.026   1.00 0.00 ? 24 DC  B "O5'"  1 
ATOM   733 C "C5'"  . DC  B 2 12 ? -11.886 -15.307 2.063   1.00 0.00 ? 24 DC  B "C5'"  1 
ATOM   734 C "C4'"  . DC  B 2 12 ? -11.508 -15.765 0.655   1.00 0.00 ? 24 DC  B "C4'"  1 
ATOM   735 O "O4'"  . DC  B 2 12 ? -10.116 -15.574 0.464   1.00 0.00 ? 24 DC  B "O4'"  1 
ATOM   736 C "C3'"  . DC  B 2 12 ? -11.818 -17.257 0.410   1.00 0.00 ? 24 DC  B "C3'"  1 
ATOM   737 O "O3'"  . DC  B 2 12 ? -12.515 -17.477 -0.810  1.00 0.00 ? 24 DC  B "O3'"  1 
ATOM   738 C "C2'"  . DC  B 2 12 ? -10.425 -17.872 0.325   1.00 0.00 ? 24 DC  B "C2'"  1 
ATOM   739 C "C1'"  . DC  B 2 12 ? -9.614  -16.696 -0.220  1.00 0.00 ? 24 DC  B "C1'"  1 
ATOM   740 N N1     . DC  B 2 12 ? -8.141  -16.806 -0.029  1.00 0.00 ? 24 DC  B N1     1 
ATOM   741 C C2     . DC  B 2 12 ? -7.313  -16.662 -1.145  1.00 0.00 ? 24 DC  B C2     1 
ATOM   742 O O2     . DC  B 2 12 ? -7.776  -16.508 -2.275  1.00 0.00 ? 24 DC  B O2     1 
ATOM   743 N N3     . DC  B 2 12 ? -5.972  -16.726 -1.020  1.00 0.00 ? 24 DC  B N3     1 
ATOM   744 C C4     . DC  B 2 12 ? -5.450  -16.880 0.174   1.00 0.00 ? 24 DC  B C4     1 
ATOM   745 N N4     . DC  B 2 12 ? -4.153  -16.889 0.222   1.00 0.00 ? 24 DC  B N4     1 
ATOM   746 C C5     . DC  B 2 12 ? -6.233  -17.065 1.348   1.00 0.00 ? 24 DC  B C5     1 
ATOM   747 C C6     . DC  B 2 12 ? -7.584  -17.023 1.209   1.00 0.00 ? 24 DC  B C6     1 
ATOM   748 H "H5'"  . DC  B 2 12 ? -11.446 -14.324 2.251   1.00 0.00 ? 24 DC  B "H5'"  1 
ATOM   749 H "H5''" . DC  B 2 12 ? -12.970 -15.229 2.149   1.00 0.00 ? 24 DC  B "H5''" 1 
ATOM   750 H "H4'"  . DC  B 2 12 ? -12.041 -15.153 -0.070  1.00 0.00 ? 24 DC  B "H4'"  1 
ATOM   751 H "H3'"  . DC  B 2 12 ? -12.364 -17.689 1.252   1.00 0.00 ? 24 DC  B "H3'"  1 
ATOM   752 H "HO3'" . DC  B 2 12 ? -13.368 -17.038 -0.754  1.00 0.00 ? 24 DC  B "HO3'" 1 
ATOM   753 H "H2'"  . DC  B 2 12 ? -10.095 -18.147 1.327   1.00 0.00 ? 24 DC  B "H2'"  1 
ATOM   754 H "H2''" . DC  B 2 12 ? -10.393 -18.730 -0.347  1.00 0.00 ? 24 DC  B "H2''" 1 
ATOM   755 H "H1'"  . DC  B 2 12 ? -9.848  -16.576 -1.285  1.00 0.00 ? 24 DC  B "H1'"  1 
ATOM   756 H H41    . DC  B 2 12 ? -3.719  -16.682 1.103   1.00 0.00 ? 24 DC  B H41    1 
ATOM   757 H H42    . DC  B 2 12 ? -3.661  -16.731 -0.658  1.00 0.00 ? 24 DC  B H42    1 
ATOM   758 H H5     . DC  B 2 12 ? -5.789  -17.210 2.317   1.00 0.00 ? 24 DC  B H5     1 
ATOM   759 H H6     . DC  B 2 12 ? -8.234  -17.139 2.068   1.00 0.00 ? 24 DC  B H6     1 
# 
